data_8A6L
#
_entry.id   8A6L
#
_cell.length_a   1.00
_cell.length_b   1.00
_cell.length_c   1.00
_cell.angle_alpha   90.00
_cell.angle_beta   90.00
_cell.angle_gamma   90.00
#
_symmetry.space_group_name_H-M   'P 1'
#
loop_
_entity.id
_entity.type
_entity.pdbx_description
1 polymer '4F2hc cell-surface antigen heavy chain'
2 polymer 'Large neutral amino acids transporter small subunit 2'
3 polymer 'Anticalin D11vs'
4 non-polymer 2-acetamido-2-deoxy-beta-D-glucopyranose
5 water water
#
loop_
_entity_poly.entity_id
_entity_poly.type
_entity_poly.pdbx_seq_one_letter_code
_entity_poly.pdbx_strand_id
1 'polypeptide(L)'
;TMAHHHHHHHHHGIEGRMSQDTEVDMKEVELNELEPEKQPMNAASGAAMSLAGAEKNGLVKIKVAEDEAEAAAAAKFTGL
SKEELLKVAGSPGWVRTRWALLLLFWLGWLGMLAGAVVIIVRAPRCRELPAQKWWHTGALYRIGDLQAFQGHGAGNLAGL
KGRLDYLSSLKVKGLVLGPIHKNQKDDVAQTDLLQIDPNFGSKEDFDSLLQSAKKKSIRVILDLTPNYRGENSWFSTQVD
TVATKVKDALEFWLQAGVDGFQVRDIENLKDASSFLAEWQNITKGFSEDRLLIAGTNSSDLQQILSLLESNKDLLLTSSY
LSDSGSTGEHTKSLVTQYLNATGNRWCSWSLSQARLLTSFLPAQLLRLYQLMLFTLPGTPVFSYGDEIGLDAAALPGQPM
EAPVMLWDESSFPDIPGAVSANMTVKGQSEDPGSLLSLFRRLSDQRSKERSLLHGDFHAFSAGPGLFSYIRHWDQNERFL
VVLNFGDVGLSAGLQASDLPASASLPAKADLLLSTQPGREEGSPLELERLKLEPHEGLLLRFPYAA
;
A
2 'polypeptide(L)'
;MAWSHPQFEKIEGRMEEGARHRNNTEKKHPGGGESDASPEAGSGGGGVALKKEIGLVSACGIIVGNIIGSGIFVSPKGVL
ENAGSVGLALIVWIVTGFITVVGALCYAELGVTIPKSGGDYSYVKDIFGGLAGFLRLWIAVLVIYPTNQAVIALTFSNYV
LQPLFPTCFPPESGLRLLAAICLLLLTWVNCSSVRWATRVQDIFTAGKLLALALIIIMGIVQICKGEYFWLEPKNAFENF
QEPDIGLVALAFLQGSFAYGGWNFLNYVTEELVDPYKNLPRAIFISIPLVTFVYVFANVAYVTAMSPQELLASNAVAVTF
GEKLLGVMAWIMPISVALSTFGGVNGSLFTSSRLFFAGAREGHLPSVLAMIHVKRCTPIPALLFTCISTLLMLVTSDMYT
LINYVGFINYLFYGVTVAGQIVLRWKKPDIPRPIKINLLFPIIYLLFWAFLLVFSLWSEPVVCGIGLAIMLTGVPVYFLG
VYWQHKPKCFSDFIELLTLVSQKMCVVVYPEVERGSGTEEANEDMEEQQQPMYQPTPTKDKDVAGQPQP
;
B
3 'polypeptide(L)'
;QDSTSDLIPAPPLSKVPLQQNFQDNQFHGKWYVVGRAGNTGLREDKDPGKMFATIYELKEDKSYNVTYVWSGQKKCMYSI
VTFVPGSQPGEFTLGNIKSAPGRTSWLVRVVSTNYNQHAMVFFKSVTQNREGFAITLYGRTKELTSELKENFIRFSKSLG
LPENHIVFPVPIDQCIDGSAWSHPQFEK
;
C
#
loop_
_chem_comp.id
_chem_comp.type
_chem_comp.name
_chem_comp.formula
NAG D-saccharide, beta linking 2-acetamido-2-deoxy-beta-D-glucopyranose 'C8 H15 N O6'
#
# COMPACT_ATOMS: atom_id res chain seq x y z
N GLY A 93 -30.75 -54.63 22.53
CA GLY A 93 -30.99 -53.21 22.28
C GLY A 93 -31.10 -52.87 20.82
N TRP A 94 -32.32 -52.62 20.35
CA TRP A 94 -32.59 -52.30 18.96
C TRP A 94 -33.17 -50.90 18.76
N VAL A 95 -34.12 -50.50 19.59
CA VAL A 95 -34.69 -49.16 19.51
C VAL A 95 -33.99 -48.28 20.54
N ARG A 96 -33.59 -48.87 21.66
CA ARG A 96 -32.90 -48.08 22.69
C ARG A 96 -31.59 -47.51 22.15
N THR A 97 -30.90 -48.24 21.27
CA THR A 97 -29.65 -47.74 20.72
C THR A 97 -29.90 -46.46 19.90
N ARG A 98 -31.02 -46.40 19.18
CA ARG A 98 -31.30 -45.23 18.36
C ARG A 98 -31.42 -43.97 19.21
N TRP A 99 -32.28 -44.02 20.23
CA TRP A 99 -32.45 -42.85 21.10
C TRP A 99 -31.17 -42.55 21.86
N ALA A 100 -30.46 -43.61 22.30
CA ALA A 100 -29.23 -43.39 23.04
C ALA A 100 -28.21 -42.66 22.20
N LEU A 101 -28.01 -43.09 20.94
CA LEU A 101 -27.06 -42.42 20.08
C LEU A 101 -27.52 -41.01 19.72
N LEU A 102 -28.82 -40.80 19.51
CA LEU A 102 -29.28 -39.46 19.17
C LEU A 102 -29.01 -38.50 20.32
N LEU A 103 -29.30 -38.92 21.56
CA LEU A 103 -29.06 -38.04 22.69
C LEU A 103 -27.58 -37.91 22.99
N LEU A 104 -26.80 -38.95 22.69
CA LEU A 104 -25.34 -38.83 22.86
C LEU A 104 -24.77 -37.85 21.84
N PHE A 105 -25.31 -37.81 20.63
CA PHE A 105 -24.88 -36.81 19.66
C PHE A 105 -25.21 -35.42 20.15
N TRP A 106 -26.41 -35.23 20.72
CA TRP A 106 -26.72 -33.91 21.25
C TRP A 106 -25.81 -33.54 22.42
N LEU A 107 -25.50 -34.52 23.27
CA LEU A 107 -24.58 -34.25 24.38
C LEU A 107 -23.20 -33.85 23.87
N GLY A 108 -22.71 -34.55 22.83
CA GLY A 108 -21.41 -34.20 22.28
C GLY A 108 -21.42 -32.83 21.62
N TRP A 109 -22.51 -32.48 20.96
CA TRP A 109 -22.61 -31.15 20.36
C TRP A 109 -22.61 -30.07 21.43
N LEU A 110 -23.36 -30.28 22.52
CA LEU A 110 -23.34 -29.32 23.61
C LEU A 110 -21.97 -29.26 24.27
N GLY A 111 -21.26 -30.38 24.36
CA GLY A 111 -19.92 -30.36 24.89
C GLY A 111 -18.98 -29.57 24.00
N MET A 112 -19.13 -29.69 22.68
CA MET A 112 -18.34 -28.88 21.77
C MET A 112 -18.66 -27.41 21.95
N LEU A 113 -19.94 -27.07 22.12
CA LEU A 113 -20.29 -25.67 22.32
C LEU A 113 -19.69 -25.13 23.61
N ALA A 114 -19.73 -25.91 24.68
CA ALA A 114 -19.13 -25.48 25.94
C ALA A 114 -17.62 -25.32 25.79
N GLY A 115 -16.97 -26.24 25.08
CA GLY A 115 -15.55 -26.12 24.86
C GLY A 115 -15.19 -24.91 24.04
N ALA A 116 -16.00 -24.58 23.05
CA ALA A 116 -15.77 -23.37 22.26
C ALA A 116 -15.89 -22.13 23.13
N VAL A 117 -16.93 -22.07 23.96
CA VAL A 117 -17.09 -20.90 24.81
C VAL A 117 -15.93 -20.78 25.79
N VAL A 118 -15.48 -21.91 26.34
CA VAL A 118 -14.36 -21.87 27.28
C VAL A 118 -13.10 -21.39 26.58
N ILE A 119 -12.83 -21.89 25.38
CA ILE A 119 -11.64 -21.46 24.67
C ILE A 119 -11.71 -19.96 24.37
N ILE A 120 -12.89 -19.48 23.98
CA ILE A 120 -13.02 -18.06 23.67
C ILE A 120 -12.77 -17.23 24.92
N VAL A 121 -13.33 -17.62 26.06
CA VAL A 121 -13.12 -16.85 27.26
C VAL A 121 -11.66 -16.88 27.68
N ARG A 122 -10.98 -18.01 27.46
CA ARG A 122 -9.57 -18.12 27.84
C ARG A 122 -8.66 -17.34 26.90
N ALA A 123 -9.12 -16.99 25.71
CA ALA A 123 -8.26 -16.32 24.75
C ALA A 123 -7.91 -14.91 25.25
N PRO A 124 -6.72 -14.42 24.91
CA PRO A 124 -6.32 -13.08 25.35
C PRO A 124 -6.97 -12.00 24.50
N ARG A 125 -7.66 -11.07 25.15
CA ARG A 125 -8.37 -10.01 24.45
C ARG A 125 -7.38 -8.99 23.88
N CYS A 126 -7.70 -8.49 22.68
CA CYS A 126 -6.82 -7.54 22.01
C CYS A 126 -6.74 -6.26 22.83
N ARG A 127 -5.55 -5.64 22.88
CA ARG A 127 -5.39 -4.41 23.65
C ARG A 127 -5.90 -3.23 22.82
N GLU A 128 -6.56 -2.28 23.50
CA GLU A 128 -7.13 -1.13 22.80
C GLU A 128 -6.06 -0.33 22.07
N LEU A 129 -6.41 0.17 20.90
CA LEU A 129 -5.51 1.05 20.16
C LEU A 129 -5.45 2.43 20.81
N PRO A 130 -4.32 3.12 20.68
CA PRO A 130 -4.18 4.45 21.29
C PRO A 130 -4.83 5.53 20.44
N ALA A 131 -4.88 6.74 21.01
CA ALA A 131 -5.41 7.91 20.33
C ALA A 131 -4.39 8.38 19.29
N GLN A 132 -4.46 7.77 18.11
CA GLN A 132 -3.51 8.01 17.04
C GLN A 132 -3.86 9.28 16.30
N LYS A 133 -3.36 10.41 16.80
CA LYS A 133 -3.51 11.69 16.11
C LYS A 133 -2.84 11.62 14.75
N TRP A 134 -3.30 12.48 13.84
CA TRP A 134 -2.86 12.40 12.46
C TRP A 134 -1.35 12.42 12.31
N TRP A 135 -0.63 13.08 13.21
CA TRP A 135 0.82 13.15 13.09
C TRP A 135 1.53 11.94 13.69
N HIS A 136 0.81 11.09 14.43
CA HIS A 136 1.42 9.85 14.90
C HIS A 136 1.71 8.90 13.76
N THR A 137 1.08 9.09 12.61
CA THR A 137 1.27 8.24 11.44
C THR A 137 2.14 8.96 10.42
N GLY A 138 3.13 8.27 9.90
CA GLY A 138 3.97 8.83 8.87
C GLY A 138 4.90 9.93 9.39
N ALA A 139 5.58 10.55 8.44
CA ALA A 139 6.58 11.57 8.71
C ALA A 139 6.05 12.95 8.43
N LEU A 140 6.81 13.97 8.85
CA LEU A 140 6.53 15.36 8.54
C LEU A 140 7.64 15.88 7.64
N TYR A 141 7.27 16.75 6.71
CA TYR A 141 8.18 17.23 5.67
C TYR A 141 8.29 18.74 5.79
N ARG A 142 9.43 19.23 6.24
CA ARG A 142 9.62 20.66 6.44
C ARG A 142 10.05 21.30 5.13
N ILE A 143 9.24 22.21 4.61
CA ILE A 143 9.51 22.77 3.29
C ILE A 143 10.36 24.02 3.39
N GLY A 144 10.40 24.68 4.54
CA GLY A 144 11.41 25.70 4.71
C GLY A 144 11.19 26.77 3.66
N ASP A 145 12.23 27.00 2.86
CA ASP A 145 12.22 28.01 1.81
C ASP A 145 11.48 27.45 0.60
N LEU A 146 10.28 27.95 0.33
CA LEU A 146 9.49 27.44 -0.80
C LEU A 146 10.14 27.74 -2.13
N GLN A 147 10.76 28.91 -2.27
CA GLN A 147 11.38 29.26 -3.53
C GLN A 147 12.49 28.28 -3.90
N ALA A 148 13.26 27.85 -2.90
CA ALA A 148 14.30 26.86 -3.16
C ALA A 148 13.71 25.48 -3.41
N PHE A 149 12.67 25.11 -2.66
CA PHE A 149 12.09 23.79 -2.84
C PHE A 149 11.52 23.61 -4.23
N GLN A 150 10.80 24.61 -4.73
CA GLN A 150 10.22 24.50 -6.06
C GLN A 150 11.27 24.63 -7.16
N GLY A 151 12.40 25.24 -6.86
CA GLY A 151 13.43 25.37 -7.87
C GLY A 151 12.92 26.19 -9.03
N HIS A 152 12.88 25.58 -10.21
CA HIS A 152 12.40 26.26 -11.40
C HIS A 152 10.90 26.48 -11.40
N GLY A 153 10.17 25.95 -10.42
CA GLY A 153 8.74 26.16 -10.35
C GLY A 153 8.37 27.62 -10.10
N ALA A 154 7.08 27.88 -9.85
CA ALA A 154 6.62 29.25 -9.73
C ALA A 154 7.26 29.97 -8.56
N GLY A 155 7.45 29.27 -7.44
CA GLY A 155 8.03 29.88 -6.26
C GLY A 155 7.04 30.52 -5.31
N ASN A 156 5.74 30.26 -5.47
CA ASN A 156 4.70 30.82 -4.62
C ASN A 156 3.79 29.69 -4.15
N LEU A 157 2.87 30.04 -3.24
CA LEU A 157 1.95 29.04 -2.72
C LEU A 157 1.07 28.47 -3.83
N ALA A 158 0.67 29.31 -4.79
CA ALA A 158 -0.15 28.81 -5.88
C ALA A 158 0.58 27.74 -6.67
N GLY A 159 1.89 27.91 -6.86
CA GLY A 159 2.67 26.92 -7.56
C GLY A 159 3.07 25.72 -6.74
N LEU A 160 2.93 25.79 -5.42
CA LEU A 160 3.28 24.67 -4.57
C LEU A 160 2.35 23.49 -4.75
N LYS A 161 1.12 23.73 -5.23
CA LYS A 161 0.18 22.64 -5.44
C LYS A 161 0.68 21.65 -6.50
N GLY A 162 1.58 22.08 -7.38
CA GLY A 162 2.11 21.15 -8.36
C GLY A 162 2.90 20.02 -7.74
N ARG A 163 3.60 20.30 -6.63
CA ARG A 163 4.43 19.29 -5.99
C ARG A 163 3.65 18.40 -5.03
N LEU A 164 2.38 18.69 -4.75
CA LEU A 164 1.65 17.88 -3.78
C LEU A 164 1.55 16.43 -4.23
N ASP A 165 1.56 16.19 -5.54
CA ASP A 165 1.59 14.81 -6.02
C ASP A 165 2.87 14.10 -5.57
N TYR A 166 4.01 14.78 -5.67
CA TYR A 166 5.27 14.20 -5.23
C TYR A 166 5.27 13.94 -3.74
N LEU A 167 4.81 14.91 -2.96
CA LEU A 167 4.78 14.73 -1.50
C LEU A 167 3.84 13.61 -1.12
N SER A 168 2.72 13.48 -1.82
CA SER A 168 1.86 12.32 -1.59
C SER A 168 2.56 11.03 -1.96
N SER A 169 3.43 11.06 -2.98
CA SER A 169 4.22 9.87 -3.29
C SER A 169 5.13 9.50 -2.14
N LEU A 170 5.73 10.50 -1.48
CA LEU A 170 6.52 10.23 -0.30
C LEU A 170 5.70 9.72 0.86
N LYS A 171 4.39 9.95 0.85
CA LYS A 171 3.50 9.56 1.94
C LYS A 171 3.84 10.27 3.23
N VAL A 172 4.29 11.52 3.14
CA VAL A 172 4.43 12.37 4.32
C VAL A 172 3.05 12.85 4.72
N LYS A 173 2.74 12.76 6.00
CA LYS A 173 1.41 13.11 6.50
C LYS A 173 1.29 14.58 6.89
N GLY A 174 2.33 15.37 6.70
CA GLY A 174 2.25 16.78 7.05
C GLY A 174 3.34 17.58 6.38
N LEU A 175 3.11 18.88 6.28
CA LEU A 175 4.07 19.82 5.73
C LEU A 175 4.27 20.95 6.72
N VAL A 176 5.50 21.44 6.82
CA VAL A 176 5.77 22.58 7.65
C VAL A 176 6.18 23.73 6.73
N LEU A 177 5.23 24.53 6.30
CA LEU A 177 5.55 25.63 5.40
C LEU A 177 6.37 26.66 6.13
N GLY A 178 7.40 27.17 5.47
CA GLY A 178 8.25 28.15 6.06
C GLY A 178 7.43 29.36 6.44
N PRO A 179 8.01 30.28 7.16
CA PRO A 179 7.21 31.43 7.59
C PRO A 179 6.87 32.29 6.39
N ILE A 180 5.60 32.31 6.01
CA ILE A 180 5.18 33.07 4.84
C ILE A 180 4.78 34.49 5.23
N HIS A 181 4.39 34.69 6.48
CA HIS A 181 3.86 35.97 6.92
C HIS A 181 4.84 37.09 6.61
N LYS A 182 4.29 38.28 6.38
CA LYS A 182 5.10 39.43 6.00
C LYS A 182 6.00 39.83 7.15
N ASN A 183 7.27 40.09 6.84
CA ASN A 183 8.24 40.43 7.88
C ASN A 183 9.28 41.39 7.31
N GLN A 184 9.56 42.45 8.05
CA GLN A 184 10.65 43.36 7.76
C GLN A 184 11.80 43.05 8.71
N LYS A 185 13.00 42.91 8.16
CA LYS A 185 14.12 42.46 8.96
C LYS A 185 14.35 43.40 10.14
N ASP A 186 14.39 42.83 11.34
CA ASP A 186 14.74 43.56 12.56
C ASP A 186 13.84 44.79 12.76
N ASP A 187 12.54 44.62 12.51
CA ASP A 187 11.57 45.70 12.71
C ASP A 187 10.30 45.06 13.27
N VAL A 188 10.17 45.07 14.59
CA VAL A 188 8.98 44.49 15.22
C VAL A 188 7.73 45.28 14.85
N ALA A 189 7.86 46.60 14.69
CA ALA A 189 6.70 47.41 14.35
C ALA A 189 6.19 47.07 12.95
N GLN A 190 7.09 46.80 12.02
CA GLN A 190 6.73 46.60 10.62
C GLN A 190 6.49 45.14 10.25
N THR A 191 6.57 44.22 11.20
CA THR A 191 6.34 42.81 10.92
C THR A 191 4.92 42.44 11.35
N ASP A 192 4.20 41.76 10.48
CA ASP A 192 2.83 41.32 10.75
C ASP A 192 2.73 39.83 10.49
N LEU A 193 2.22 39.09 11.46
CA LEU A 193 2.09 37.64 11.32
C LEU A 193 0.74 37.21 10.76
N LEU A 194 -0.15 38.15 10.46
CA LEU A 194 -1.44 37.83 9.87
C LEU A 194 -1.50 38.13 8.38
N GLN A 195 -0.44 38.67 7.81
CA GLN A 195 -0.39 39.02 6.39
C GLN A 195 0.66 38.17 5.70
N ILE A 196 0.26 37.45 4.65
CA ILE A 196 1.22 36.70 3.86
C ILE A 196 2.08 37.66 3.07
N ASP A 197 3.34 37.30 2.89
CA ASP A 197 4.25 38.15 2.13
C ASP A 197 3.74 38.24 0.69
N PRO A 198 3.81 39.41 0.05
CA PRO A 198 3.34 39.49 -1.34
C PRO A 198 4.07 38.53 -2.27
N ASN A 199 5.36 38.30 -2.03
CA ASN A 199 6.11 37.41 -2.91
C ASN A 199 5.60 35.98 -2.81
N PHE A 200 5.30 35.51 -1.59
CA PHE A 200 4.88 34.13 -1.42
C PHE A 200 3.53 33.85 -2.07
N GLY A 201 2.65 34.82 -2.09
CA GLY A 201 1.35 34.63 -2.70
C GLY A 201 0.33 35.54 -2.04
N SER A 202 -0.92 35.08 -2.04
CA SER A 202 -2.03 35.81 -1.44
C SER A 202 -2.83 34.87 -0.56
N LYS A 203 -3.76 35.43 0.20
CA LYS A 203 -4.55 34.61 1.11
C LYS A 203 -5.36 33.57 0.35
N GLU A 204 -5.89 33.94 -0.81
CA GLU A 204 -6.65 32.98 -1.61
C GLU A 204 -5.77 31.83 -2.06
N ASP A 205 -4.51 32.12 -2.40
CA ASP A 205 -3.59 31.05 -2.79
C ASP A 205 -3.37 30.09 -1.64
N PHE A 206 -3.19 30.62 -0.42
CA PHE A 206 -3.00 29.77 0.74
C PHE A 206 -4.24 28.91 1.00
N ASP A 207 -5.43 29.50 0.85
CA ASP A 207 -6.65 28.73 1.05
C ASP A 207 -6.77 27.61 0.03
N SER A 208 -6.44 27.90 -1.23
CA SER A 208 -6.49 26.87 -2.25
C SER A 208 -5.48 25.78 -1.97
N LEU A 209 -4.29 26.15 -1.50
CA LEU A 209 -3.28 25.15 -1.15
C LEU A 209 -3.77 24.26 -0.02
N LEU A 210 -4.37 24.85 1.00
CA LEU A 210 -4.89 24.04 2.10
C LEU A 210 -5.99 23.11 1.63
N GLN A 211 -6.87 23.60 0.75
CA GLN A 211 -7.93 22.75 0.22
C GLN A 211 -7.37 21.58 -0.57
N SER A 212 -6.38 21.84 -1.42
CA SER A 212 -5.80 20.75 -2.20
C SER A 212 -5.09 19.75 -1.31
N ALA A 213 -4.34 20.23 -0.31
CA ALA A 213 -3.64 19.32 0.58
C ALA A 213 -4.63 18.48 1.36
N LYS A 214 -5.73 19.09 1.83
CA LYS A 214 -6.76 18.33 2.52
C LYS A 214 -7.37 17.30 1.60
N LYS A 215 -7.54 17.64 0.32
CA LYS A 215 -8.03 16.67 -0.65
C LYS A 215 -7.09 15.49 -0.77
N LYS A 216 -5.78 15.75 -0.71
CA LYS A 216 -4.77 14.70 -0.81
C LYS A 216 -4.39 14.11 0.54
N SER A 217 -5.01 14.56 1.62
CA SER A 217 -4.78 14.08 2.99
C SER A 217 -3.45 14.58 3.57
N ILE A 218 -2.82 15.57 2.96
CA ILE A 218 -1.64 16.21 3.51
C ILE A 218 -2.10 17.37 4.37
N ARG A 219 -1.49 17.53 5.54
CA ARG A 219 -1.92 18.55 6.49
C ARG A 219 -0.82 19.58 6.66
N VAL A 220 -1.17 20.84 6.50
CA VAL A 220 -0.22 21.95 6.50
C VAL A 220 0.03 22.40 7.93
N ILE A 221 1.26 22.81 8.21
CA ILE A 221 1.67 23.29 9.53
C ILE A 221 2.40 24.61 9.29
N LEU A 222 1.74 25.72 9.56
CA LEU A 222 2.33 27.02 9.33
C LEU A 222 3.23 27.40 10.50
N ASP A 223 4.53 27.55 10.26
CA ASP A 223 5.43 27.95 11.33
C ASP A 223 5.42 29.47 11.47
N LEU A 224 5.30 29.93 12.71
CA LEU A 224 5.15 31.35 12.97
C LEU A 224 6.33 31.91 13.74
N THR A 225 7.53 31.77 13.21
CA THR A 225 8.69 32.37 13.85
C THR A 225 8.68 33.85 13.48
N PRO A 226 8.68 34.77 14.45
CA PRO A 226 8.43 36.18 14.08
C PRO A 226 9.44 36.80 13.15
N ASN A 227 10.74 36.55 13.34
CA ASN A 227 11.77 37.21 12.55
C ASN A 227 12.59 36.14 11.85
N TYR A 228 12.07 35.66 10.73
CA TYR A 228 12.75 34.59 10.02
C TYR A 228 13.76 35.10 9.02
N ARG A 229 13.69 36.37 8.65
CA ARG A 229 14.68 37.00 7.80
C ARG A 229 15.80 37.68 8.58
N GLY A 230 15.68 37.76 9.91
CA GLY A 230 16.68 38.38 10.74
C GLY A 230 17.66 37.39 11.33
N GLU A 231 18.70 37.92 11.97
CA GLU A 231 19.72 37.07 12.56
C GLU A 231 19.18 36.31 13.78
N ASN A 232 18.35 36.96 14.58
CA ASN A 232 17.73 36.34 15.74
C ASN A 232 16.23 36.22 15.51
N SER A 233 15.71 35.00 15.68
CA SER A 233 14.32 34.74 15.33
C SER A 233 13.36 35.61 16.12
N TRP A 234 13.70 35.93 17.36
CA TRP A 234 12.86 36.72 18.23
C TRP A 234 13.51 38.08 18.42
N PHE A 235 12.77 39.14 18.10
CA PHE A 235 13.35 40.48 18.09
C PHE A 235 13.90 40.80 19.47
N SER A 236 15.13 41.33 19.51
CA SER A 236 15.70 41.76 20.79
C SER A 236 15.06 43.03 21.31
N THR A 237 14.49 43.86 20.42
CA THR A 237 13.97 45.15 20.84
C THR A 237 12.82 45.00 21.84
N GLN A 238 11.93 44.05 21.61
CA GLN A 238 10.76 43.86 22.47
C GLN A 238 10.49 42.37 22.60
N VAL A 239 9.81 42.00 23.68
CA VAL A 239 9.54 40.60 23.96
C VAL A 239 8.02 40.38 24.04
N ASP A 240 7.36 41.14 24.92
CA ASP A 240 5.93 40.92 25.13
C ASP A 240 5.13 41.14 23.86
N THR A 241 5.48 42.16 23.07
CA THR A 241 4.74 42.41 21.84
C THR A 241 4.87 41.25 20.88
N VAL A 242 6.06 40.64 20.82
CA VAL A 242 6.27 39.52 19.91
C VAL A 242 5.38 38.35 20.30
N ALA A 243 5.33 38.03 21.58
CA ALA A 243 4.48 36.93 22.04
C ALA A 243 3.01 37.25 21.80
N THR A 244 2.61 38.50 22.01
CA THR A 244 1.21 38.85 21.79
C THR A 244 0.84 38.69 20.33
N LYS A 245 1.69 39.16 19.42
CA LYS A 245 1.37 39.02 18.00
C LYS A 245 1.41 37.55 17.58
N VAL A 246 2.28 36.74 18.17
CA VAL A 246 2.28 35.32 17.85
C VAL A 246 0.97 34.68 18.30
N LYS A 247 0.47 35.07 19.46
CA LYS A 247 -0.80 34.50 19.93
C LYS A 247 -1.95 34.93 19.02
N ASP A 248 -1.98 36.19 18.63
CA ASP A 248 -3.03 36.65 17.73
C ASP A 248 -2.96 35.95 16.38
N ALA A 249 -1.75 35.77 15.86
CA ALA A 249 -1.58 35.07 14.60
C ALA A 249 -1.99 33.61 14.73
N LEU A 250 -1.71 32.99 15.88
CA LEU A 250 -2.12 31.62 16.08
C LEU A 250 -3.64 31.51 16.03
N GLU A 251 -4.33 32.44 16.68
CA GLU A 251 -5.79 32.45 16.60
C GLU A 251 -6.27 32.60 15.16
N PHE A 252 -5.73 33.60 14.46
CA PHE A 252 -6.20 33.90 13.11
C PHE A 252 -5.98 32.73 12.16
N TRP A 253 -4.80 32.10 12.24
CA TRP A 253 -4.49 31.01 11.33
C TRP A 253 -5.21 29.73 11.70
N LEU A 254 -5.49 29.50 13.00
CA LEU A 254 -6.35 28.39 13.34
C LEU A 254 -7.74 28.58 12.75
N GLN A 255 -8.25 29.82 12.77
CA GLN A 255 -9.50 30.08 12.08
C GLN A 255 -9.37 29.83 10.58
N ALA A 256 -8.21 30.15 10.01
CA ALA A 256 -8.00 29.91 8.58
C ALA A 256 -8.09 28.42 8.25
N GLY A 257 -7.47 27.56 9.07
CA GLY A 257 -7.59 26.14 8.88
C GLY A 257 -6.31 25.34 8.97
N VAL A 258 -5.19 25.97 9.31
CA VAL A 258 -3.92 25.25 9.38
C VAL A 258 -4.00 24.20 10.47
N ASP A 259 -3.44 23.02 10.18
CA ASP A 259 -3.47 21.89 11.11
C ASP A 259 -2.25 21.87 12.02
N GLY A 260 -2.00 22.98 12.71
CA GLY A 260 -0.91 23.07 13.64
C GLY A 260 -0.02 24.25 13.32
N PHE A 261 1.08 24.36 14.05
CA PHE A 261 2.03 25.42 13.84
C PHE A 261 3.44 24.91 14.14
N GLN A 262 4.41 25.80 14.07
CA GLN A 262 5.77 25.48 14.47
C GLN A 262 6.46 26.77 14.89
N VAL A 263 7.29 26.67 15.91
CA VAL A 263 8.01 27.80 16.46
C VAL A 263 9.46 27.37 16.63
N ARG A 264 10.37 28.08 16.01
CA ARG A 264 11.78 27.70 15.95
C ARG A 264 12.64 28.64 16.78
N ASP A 265 13.88 28.22 16.99
CA ASP A 265 14.89 29.02 17.67
C ASP A 265 14.37 29.53 19.00
N ILE A 266 13.81 28.61 19.79
CA ILE A 266 13.26 28.97 21.08
C ILE A 266 14.34 29.24 22.12
N GLU A 267 15.58 28.84 21.87
CA GLU A 267 16.64 29.16 22.81
C GLU A 267 16.78 30.67 22.99
N ASN A 268 16.48 31.45 21.94
CA ASN A 268 16.52 32.89 22.02
C ASN A 268 15.25 33.48 22.62
N LEU A 269 14.17 32.71 22.73
CA LEU A 269 12.94 33.23 23.32
C LEU A 269 13.10 33.36 24.83
N LYS A 270 12.72 34.51 25.36
CA LYS A 270 12.78 34.73 26.80
C LYS A 270 11.53 34.17 27.48
N ASP A 271 11.73 33.51 28.61
CA ASP A 271 10.65 32.83 29.31
C ASP A 271 9.92 31.88 28.36
N ALA A 272 10.69 30.94 27.81
CA ALA A 272 10.20 30.10 26.73
C ALA A 272 9.09 29.18 27.21
N SER A 273 9.37 28.36 28.22
CA SER A 273 8.46 27.28 28.57
C SER A 273 7.05 27.80 28.87
N SER A 274 6.95 28.98 29.48
CA SER A 274 5.63 29.53 29.80
C SER A 274 4.86 29.84 28.53
N PHE A 275 5.49 30.55 27.58
CA PHE A 275 4.83 30.86 26.33
C PHE A 275 4.49 29.60 25.55
N LEU A 276 5.38 28.61 25.59
CA LEU A 276 5.10 27.36 24.90
C LEU A 276 3.89 26.66 25.50
N ALA A 277 3.79 26.64 26.83
CA ALA A 277 2.62 26.03 27.45
C ALA A 277 1.36 26.77 27.07
N GLU A 278 1.41 28.10 27.07
CA GLU A 278 0.23 28.88 26.71
C GLU A 278 -0.20 28.59 25.27
N TRP A 279 0.73 28.66 24.33
CA TRP A 279 0.39 28.43 22.93
C TRP A 279 -0.06 26.99 22.70
N GLN A 280 0.60 26.03 23.33
CA GLN A 280 0.23 24.64 23.14
C GLN A 280 -1.17 24.37 23.67
N ASN A 281 -1.50 24.90 24.85
CA ASN A 281 -2.81 24.63 25.40
C ASN A 281 -3.91 25.38 24.65
N ILE A 282 -3.64 26.59 24.14
CA ILE A 282 -4.65 27.25 23.32
C ILE A 282 -4.87 26.49 22.02
N THR A 283 -3.79 26.04 21.38
CA THR A 283 -3.94 25.29 20.13
C THR A 283 -4.70 23.99 20.36
N LYS A 284 -4.39 23.28 21.45
CA LYS A 284 -5.13 22.06 21.75
C LYS A 284 -6.57 22.35 22.12
N GLY A 285 -6.82 23.48 22.79
CA GLY A 285 -8.18 23.84 23.15
C GLY A 285 -9.03 24.14 21.94
N PHE A 286 -8.46 24.76 20.92
CA PHE A 286 -9.21 24.96 19.69
C PHE A 286 -9.71 23.64 19.13
N SER A 287 -8.81 22.67 19.01
CA SER A 287 -9.19 21.33 18.60
C SER A 287 -8.08 20.37 19.02
N GLU A 288 -8.43 19.09 19.09
CA GLU A 288 -7.45 18.10 19.52
C GLU A 288 -6.43 17.82 18.41
N ASP A 289 -6.88 17.78 17.16
CA ASP A 289 -5.99 17.52 16.03
C ASP A 289 -5.34 18.82 15.57
N ARG A 290 -4.43 19.30 16.40
CA ARG A 290 -3.66 20.50 16.07
C ARG A 290 -2.41 20.48 16.93
N LEU A 291 -1.25 20.37 16.28
CA LEU A 291 0.01 20.26 16.99
C LEU A 291 0.77 21.57 16.92
N LEU A 292 1.59 21.81 17.93
CA LEU A 292 2.50 22.94 17.96
C LEU A 292 3.91 22.39 18.09
N ILE A 293 4.68 22.49 17.02
CA ILE A 293 6.07 22.02 17.07
C ILE A 293 6.93 23.11 17.68
N ALA A 294 7.98 22.71 18.38
CA ALA A 294 8.92 23.64 18.97
C ALA A 294 10.32 23.26 18.52
N GLY A 295 11.11 24.26 18.17
CA GLY A 295 12.45 24.02 17.68
C GLY A 295 13.52 24.67 18.54
N THR A 296 14.55 23.92 18.90
CA THR A 296 15.66 24.44 19.67
C THR A 296 16.96 23.93 19.07
N ASN A 297 18.03 24.67 19.28
CA ASN A 297 19.34 24.24 18.85
C ASN A 297 20.11 23.53 19.96
N SER A 298 19.53 23.42 21.14
CA SER A 298 20.22 22.81 22.27
C SER A 298 20.39 21.32 22.05
N SER A 299 21.57 20.81 22.40
CA SER A 299 21.88 19.39 22.31
C SER A 299 21.97 18.70 23.66
N ASP A 300 21.81 19.45 24.76
CA ASP A 300 21.91 18.86 26.09
C ASP A 300 20.54 18.32 26.50
N LEU A 301 20.52 17.09 27.01
CA LEU A 301 19.26 16.46 27.34
C LEU A 301 18.53 17.20 28.46
N GLN A 302 19.28 17.69 29.45
CA GLN A 302 18.63 18.33 30.59
C GLN A 302 17.86 19.58 30.17
N GLN A 303 18.42 20.37 29.25
CA GLN A 303 17.70 21.54 28.76
C GLN A 303 16.41 21.14 28.06
N ILE A 304 16.45 20.08 27.27
CA ILE A 304 15.26 19.60 26.58
C ILE A 304 14.20 19.17 27.59
N LEU A 305 14.61 18.38 28.59
CA LEU A 305 13.65 17.92 29.58
C LEU A 305 13.05 19.10 30.34
N SER A 306 13.87 20.08 30.70
CA SER A 306 13.35 21.27 31.37
C SER A 306 12.34 21.99 30.50
N LEU A 307 12.62 22.08 29.19
CA LEU A 307 11.67 22.71 28.28
C LEU A 307 10.37 21.94 28.21
N LEU A 308 10.43 20.61 28.31
CA LEU A 308 9.24 19.77 28.22
C LEU A 308 8.54 19.56 29.56
N GLU A 309 9.06 20.10 30.65
CA GLU A 309 8.47 19.84 31.96
C GLU A 309 7.03 20.35 32.03
N SER A 310 6.80 21.59 31.58
CA SER A 310 5.48 22.19 31.72
C SER A 310 4.44 21.42 30.93
N ASN A 311 4.71 21.17 29.65
CA ASN A 311 3.78 20.50 28.75
C ASN A 311 4.45 19.25 28.20
N LYS A 312 3.85 18.10 28.47
CA LYS A 312 4.39 16.82 28.03
C LYS A 312 3.87 16.40 26.67
N ASP A 313 2.93 17.14 26.09
CA ASP A 313 2.34 16.79 24.80
C ASP A 313 2.82 17.70 23.68
N LEU A 314 3.99 18.31 23.84
CA LEU A 314 4.55 19.21 22.85
C LEU A 314 5.59 18.45 22.03
N LEU A 315 5.53 18.61 20.71
CA LEU A 315 6.54 18.04 19.83
C LEU A 315 7.73 18.98 19.80
N LEU A 316 8.88 18.51 20.26
CA LEU A 316 10.09 19.31 20.30
C LEU A 316 11.09 18.73 19.32
N THR A 317 11.56 19.56 18.40
CA THR A 317 12.64 19.20 17.50
C THR A 317 13.88 19.91 17.98
N SER A 318 14.99 19.18 18.07
CA SER A 318 16.20 19.74 18.63
C SER A 318 17.39 18.98 18.07
N SER A 319 18.57 19.60 18.18
CA SER A 319 19.79 18.94 17.74
C SER A 319 20.29 18.12 18.90
N TYR A 320 19.70 16.94 19.07
CA TYR A 320 20.07 16.03 20.13
C TYR A 320 20.84 14.84 19.60
N LEU A 321 20.41 14.29 18.46
CA LEU A 321 21.12 13.23 17.78
C LEU A 321 22.08 13.78 16.75
N SER A 322 22.17 15.10 16.63
CA SER A 322 22.96 15.70 15.56
C SER A 322 24.43 15.30 15.66
N ASP A 323 24.96 15.24 16.88
CA ASP A 323 26.32 14.79 17.05
C ASP A 323 26.49 13.42 16.42
N SER A 324 27.34 13.35 15.39
CA SER A 324 27.44 12.12 14.61
C SER A 324 27.88 10.95 15.48
N GLY A 325 28.88 11.16 16.32
CA GLY A 325 29.35 10.11 17.20
C GLY A 325 30.11 9.04 16.46
N SER A 326 29.50 8.46 15.42
CA SER A 326 30.07 7.41 14.60
C SER A 326 30.21 6.10 15.35
N THR A 327 29.52 5.96 16.49
CA THR A 327 29.53 4.73 17.26
C THR A 327 28.09 4.33 17.55
N GLY A 328 27.75 3.08 17.26
CA GLY A 328 26.41 2.60 17.52
C GLY A 328 26.07 2.63 18.99
N GLU A 329 27.06 2.36 19.85
CA GLU A 329 26.81 2.40 21.30
C GLU A 329 26.38 3.80 21.74
N HIS A 330 27.01 4.83 21.18
CA HIS A 330 26.68 6.19 21.58
C HIS A 330 25.26 6.56 21.18
N THR A 331 24.87 6.25 19.95
CA THR A 331 23.51 6.55 19.51
C THR A 331 22.49 5.72 20.28
N LYS A 332 22.82 4.47 20.57
CA LYS A 332 21.92 3.65 21.37
C LYS A 332 21.73 4.26 22.75
N SER A 333 22.81 4.75 23.35
CA SER A 333 22.71 5.40 24.65
C SER A 333 21.84 6.65 24.56
N LEU A 334 22.03 7.45 23.52
CA LEU A 334 21.23 8.66 23.36
C LEU A 334 19.76 8.32 23.27
N VAL A 335 19.42 7.35 22.41
CA VAL A 335 18.01 7.02 22.19
C VAL A 335 17.39 6.48 23.46
N THR A 336 18.05 5.51 24.09
CA THR A 336 17.48 4.92 25.30
C THR A 336 17.39 5.92 26.44
N GLN A 337 18.42 6.76 26.61
CA GLN A 337 18.39 7.78 27.65
C GLN A 337 17.21 8.71 27.45
N TYR A 338 17.04 9.21 26.22
CA TYR A 338 15.94 10.13 25.96
C TYR A 338 14.59 9.46 26.20
N LEU A 339 14.41 8.26 25.65
CA LEU A 339 13.11 7.61 25.76
C LEU A 339 12.76 7.30 27.20
N ASN A 340 13.72 6.85 28.00
CA ASN A 340 13.39 6.46 29.36
C ASN A 340 13.38 7.64 30.33
N ALA A 341 14.05 8.74 29.99
CA ALA A 341 13.94 9.94 30.81
C ALA A 341 12.65 10.68 30.55
N THR A 342 12.19 10.71 29.29
CA THR A 342 10.95 11.39 28.97
C THR A 342 9.73 10.59 29.37
N GLY A 343 9.90 9.33 29.77
CA GLY A 343 8.77 8.51 30.14
C GLY A 343 8.12 7.77 29.01
N ASN A 344 8.85 7.52 27.92
CA ASN A 344 8.32 6.84 26.74
C ASN A 344 7.17 7.62 26.10
N ARG A 345 7.03 8.89 26.42
CA ARG A 345 6.02 9.73 25.79
C ARG A 345 6.37 9.94 24.32
N TRP A 346 5.34 10.20 23.53
CA TRP A 346 5.56 10.40 22.10
C TRP A 346 6.53 11.55 21.88
N CYS A 347 7.49 11.34 20.98
CA CYS A 347 8.55 12.30 20.73
C CYS A 347 8.82 12.39 19.23
N SER A 348 9.43 13.49 18.82
CA SER A 348 9.80 13.71 17.44
C SER A 348 11.25 13.28 17.23
N TRP A 349 11.46 12.31 16.34
CA TRP A 349 12.80 11.84 16.04
C TRP A 349 13.34 12.56 14.80
N SER A 350 13.71 13.81 15.01
CA SER A 350 14.33 14.63 14.00
C SER A 350 15.80 14.78 14.32
N LEU A 351 16.64 14.70 13.31
CA LEU A 351 18.06 14.83 13.54
C LEU A 351 18.48 16.26 13.80
N SER A 352 17.62 17.25 13.54
CA SER A 352 18.00 18.63 13.74
C SER A 352 16.76 19.50 13.80
N GLN A 353 17.00 20.81 13.73
CA GLN A 353 15.98 21.84 13.59
C GLN A 353 16.24 22.58 12.29
N ALA A 354 15.33 22.45 11.33
CA ALA A 354 15.44 23.20 10.08
C ALA A 354 16.79 22.99 9.40
N ARG A 355 17.31 21.77 9.42
CA ARG A 355 18.52 21.45 8.69
C ARG A 355 18.43 20.06 8.09
N LEU A 356 19.22 19.83 7.03
CA LEU A 356 19.23 18.55 6.35
C LEU A 356 20.10 17.56 7.10
N LEU A 357 19.87 16.28 6.81
CA LEU A 357 20.71 15.23 7.40
C LEU A 357 22.14 15.32 6.91
N THR A 358 22.35 15.79 5.67
CA THR A 358 23.67 15.79 5.08
C THR A 358 24.62 16.81 5.68
N SER A 359 24.12 17.76 6.47
CA SER A 359 25.03 18.68 7.15
C SER A 359 25.79 17.99 8.27
N PHE A 360 25.07 17.24 9.10
CA PHE A 360 25.69 16.46 10.17
C PHE A 360 26.29 15.15 9.67
N LEU A 361 25.62 14.46 8.78
CA LEU A 361 26.04 13.09 8.49
C LEU A 361 26.86 13.01 7.21
N PRO A 362 27.82 12.10 7.14
CA PRO A 362 28.53 11.87 5.87
C PRO A 362 27.63 11.16 4.88
N ALA A 363 28.11 10.95 3.66
CA ALA A 363 27.26 10.37 2.63
C ALA A 363 26.91 8.92 2.92
N GLN A 364 27.79 8.18 3.60
CA GLN A 364 27.59 6.74 3.74
C GLN A 364 26.60 6.37 4.85
N LEU A 365 26.26 7.30 5.73
CA LEU A 365 25.36 7.01 6.85
C LEU A 365 23.94 7.47 6.62
N LEU A 366 23.63 8.06 5.46
CA LEU A 366 22.29 8.59 5.26
C LEU A 366 21.24 7.49 5.27
N ARG A 367 21.53 6.37 4.62
CA ARG A 367 20.55 5.29 4.56
C ARG A 367 20.32 4.67 5.94
N LEU A 368 21.40 4.49 6.69
CA LEU A 368 21.28 3.93 8.03
C LEU A 368 20.45 4.83 8.93
N TYR A 369 20.70 6.14 8.89
CA TYR A 369 19.94 7.05 9.72
C TYR A 369 18.50 7.18 9.25
N GLN A 370 18.24 7.07 7.96
CA GLN A 370 16.85 7.05 7.50
C GLN A 370 16.13 5.84 8.06
N LEU A 371 16.76 4.67 8.04
CA LEU A 371 16.12 3.49 8.61
C LEU A 371 15.86 3.69 10.10
N MET A 372 16.85 4.22 10.82
CA MET A 372 16.69 4.42 12.26
C MET A 372 15.56 5.39 12.56
N LEU A 373 15.54 6.53 11.88
CA LEU A 373 14.51 7.52 12.16
C LEU A 373 13.13 7.01 11.79
N PHE A 374 13.01 6.26 10.70
CA PHE A 374 11.71 5.75 10.32
C PHE A 374 11.23 4.61 11.20
N THR A 375 12.13 3.95 11.93
CA THR A 375 11.70 2.85 12.79
C THR A 375 11.69 3.18 14.27
N LEU A 376 12.32 4.26 14.71
CA LEU A 376 12.28 4.61 16.11
C LEU A 376 10.88 5.06 16.51
N PRO A 377 10.52 4.93 17.79
CA PRO A 377 9.15 5.27 18.24
C PRO A 377 8.97 6.78 18.35
N GLY A 378 8.22 7.34 17.42
CA GLY A 378 8.00 8.77 17.40
C GLY A 378 7.51 9.21 16.04
N THR A 379 7.62 10.52 15.80
CA THR A 379 7.19 11.12 14.54
C THR A 379 8.40 11.70 13.84
N PRO A 380 8.97 11.02 12.85
CA PRO A 380 10.16 11.57 12.20
C PRO A 380 9.85 12.86 11.47
N VAL A 381 10.68 13.86 11.65
CA VAL A 381 10.56 15.14 10.96
C VAL A 381 11.74 15.26 10.02
N PHE A 382 11.45 15.36 8.72
CA PHE A 382 12.48 15.41 7.70
C PHE A 382 12.44 16.78 7.02
N SER A 383 13.60 17.40 6.89
CA SER A 383 13.70 18.60 6.07
C SER A 383 13.64 18.22 4.61
N TYR A 384 13.18 19.15 3.78
CA TYR A 384 12.97 18.81 2.37
C TYR A 384 14.30 18.48 1.71
N GLY A 385 14.25 17.52 0.80
CA GLY A 385 15.44 17.06 0.11
C GLY A 385 16.19 15.96 0.82
N ASP A 386 15.73 15.54 1.99
CA ASP A 386 16.38 14.43 2.69
C ASP A 386 16.11 13.10 2.03
N GLU A 387 15.02 12.98 1.26
CA GLU A 387 14.76 11.71 0.58
C GLU A 387 15.79 11.44 -0.52
N ILE A 388 16.28 12.48 -1.19
CA ILE A 388 17.28 12.31 -2.23
C ILE A 388 18.69 12.54 -1.68
N GLY A 389 18.84 12.72 -0.38
CA GLY A 389 20.17 13.00 0.16
C GLY A 389 20.75 14.30 -0.34
N LEU A 390 19.93 15.33 -0.47
CA LEU A 390 20.41 16.61 -0.98
C LEU A 390 21.52 17.14 -0.08
N ASP A 391 22.61 17.59 -0.71
CA ASP A 391 23.75 18.13 0.01
C ASP A 391 24.08 19.50 -0.58
N ALA A 392 24.17 20.50 0.28
CA ALA A 392 24.45 21.85 -0.19
C ALA A 392 25.87 22.02 -0.67
N ALA A 393 26.78 21.15 -0.24
CA ALA A 393 28.18 21.22 -0.66
C ALA A 393 28.47 20.34 -1.86
N ALA A 394 27.49 19.63 -2.40
CA ALA A 394 27.74 18.77 -3.55
C ALA A 394 27.87 19.56 -4.85
N LEU A 395 27.18 20.69 -4.98
CA LEU A 395 27.17 21.44 -6.21
C LEU A 395 27.69 22.86 -5.98
N PRO A 396 28.29 23.47 -7.00
CA PRO A 396 28.83 24.82 -6.81
C PRO A 396 27.72 25.83 -6.54
N GLY A 397 28.06 26.84 -5.73
CA GLY A 397 27.19 27.99 -5.58
C GLY A 397 25.79 27.65 -5.13
N GLN A 398 25.66 26.75 -4.17
CA GLN A 398 24.36 26.38 -3.63
C GLN A 398 24.27 26.88 -2.20
N PRO A 399 23.21 27.60 -1.83
CA PRO A 399 23.15 28.11 -0.46
C PRO A 399 23.20 26.98 0.55
N MET A 400 23.95 27.20 1.63
CA MET A 400 24.11 26.16 2.64
C MET A 400 22.84 25.95 3.44
N GLU A 401 22.17 27.04 3.83
CA GLU A 401 20.98 26.91 4.66
C GLU A 401 19.79 26.41 3.85
N ALA A 402 19.62 26.88 2.62
CA ALA A 402 18.46 26.57 1.80
C ALA A 402 18.92 26.12 0.43
N PRO A 403 19.45 24.91 0.31
CA PRO A 403 19.87 24.41 -1.01
C PRO A 403 18.67 24.26 -1.93
N VAL A 404 18.91 24.48 -3.21
CA VAL A 404 17.85 24.36 -4.21
C VAL A 404 17.57 22.88 -4.45
N MET A 405 16.30 22.52 -4.42
CA MET A 405 15.92 21.12 -4.67
C MET A 405 16.28 20.74 -6.09
N LEU A 406 16.83 19.54 -6.26
CA LEU A 406 17.24 19.03 -7.56
C LEU A 406 16.15 18.10 -8.08
N TRP A 407 15.34 18.59 -9.01
CA TRP A 407 14.30 17.78 -9.60
C TRP A 407 14.75 17.07 -10.87
N ASP A 408 15.80 17.54 -11.52
CA ASP A 408 16.34 16.91 -12.71
C ASP A 408 17.69 17.55 -13.00
N GLU A 409 18.31 17.13 -14.11
CA GLU A 409 19.63 17.65 -14.46
C GLU A 409 19.59 19.12 -14.84
N SER A 410 18.42 19.65 -15.19
CA SER A 410 18.26 21.04 -15.57
C SER A 410 17.95 21.95 -14.40
N SER A 411 18.03 21.44 -13.16
CA SER A 411 17.74 22.28 -12.01
C SER A 411 18.70 23.47 -11.95
N PHE A 412 19.96 23.26 -12.32
CA PHE A 412 20.97 24.32 -12.40
C PHE A 412 21.49 24.35 -13.83
N PRO A 413 20.90 25.17 -14.70
CA PRO A 413 21.39 25.23 -16.08
C PRO A 413 22.66 26.03 -16.26
N ASP A 414 23.15 26.64 -15.19
CA ASP A 414 24.38 27.43 -15.23
C ASP A 414 25.63 26.59 -15.05
N ILE A 415 25.51 25.33 -14.64
CA ILE A 415 26.67 24.47 -14.40
C ILE A 415 26.45 23.16 -15.14
N PRO A 416 26.64 23.11 -16.46
CA PRO A 416 26.35 21.87 -17.19
C PRO A 416 27.21 20.73 -16.69
N GLY A 417 26.58 19.55 -16.58
CA GLY A 417 27.28 18.34 -16.25
C GLY A 417 27.67 18.20 -14.79
N ALA A 418 27.47 19.23 -13.98
CA ALA A 418 27.82 19.13 -12.57
C ALA A 418 26.76 18.36 -11.78
N VAL A 419 25.50 18.46 -12.16
CA VAL A 419 24.41 17.77 -11.48
C VAL A 419 24.30 16.39 -12.13
N SER A 420 24.90 15.40 -11.49
CA SER A 420 24.84 14.05 -12.03
C SER A 420 23.40 13.55 -12.02
N ALA A 421 23.14 12.58 -12.89
CA ALA A 421 21.77 12.09 -13.02
C ALA A 421 21.26 11.49 -11.72
N ASN A 422 22.13 10.79 -10.99
CA ASN A 422 21.71 10.02 -9.83
C ASN A 422 21.73 10.82 -8.54
N MET A 423 21.69 12.14 -8.62
CA MET A 423 21.54 12.99 -7.45
C MET A 423 20.33 13.90 -7.58
N THR A 424 19.29 13.43 -8.28
CA THR A 424 18.10 14.21 -8.55
C THR A 424 16.87 13.37 -8.26
N VAL A 425 15.72 14.03 -8.13
CA VAL A 425 14.47 13.31 -7.91
C VAL A 425 14.14 12.44 -9.11
N LYS A 426 14.27 13.01 -10.32
CA LYS A 426 13.95 12.25 -11.52
C LYS A 426 14.92 11.07 -11.69
N GLY A 427 16.20 11.29 -11.43
CA GLY A 427 17.15 10.22 -11.58
C GLY A 427 16.98 9.11 -10.55
N GLN A 428 16.73 9.48 -9.30
CA GLN A 428 16.59 8.49 -8.23
C GLN A 428 15.22 7.86 -8.17
N SER A 429 14.23 8.42 -8.86
CA SER A 429 12.90 7.81 -8.87
C SER A 429 12.85 6.56 -9.73
N GLU A 430 13.78 6.41 -10.67
CA GLU A 430 13.82 5.27 -11.57
C GLU A 430 14.79 4.19 -11.12
N ASP A 431 15.44 4.35 -9.96
CA ASP A 431 16.44 3.41 -9.50
C ASP A 431 15.86 2.59 -8.35
N PRO A 432 15.70 1.26 -8.50
CA PRO A 432 15.19 0.47 -7.37
C PRO A 432 16.05 0.60 -6.13
N GLY A 433 17.37 0.70 -6.30
CA GLY A 433 18.27 0.93 -5.19
C GLY A 433 18.77 2.35 -5.18
N SER A 434 18.16 3.20 -4.37
CA SER A 434 18.56 4.60 -4.26
C SER A 434 17.94 5.15 -2.99
N LEU A 435 18.48 6.28 -2.54
CA LEU A 435 18.01 6.84 -1.28
C LEU A 435 16.54 7.21 -1.33
N LEU A 436 16.08 7.73 -2.47
CA LEU A 436 14.67 8.09 -2.58
C LEU A 436 13.77 6.86 -2.55
N SER A 437 14.17 5.78 -3.22
CA SER A 437 13.36 4.57 -3.19
C SER A 437 13.31 3.98 -1.79
N LEU A 438 14.44 3.99 -1.08
CA LEU A 438 14.45 3.53 0.30
C LEU A 438 13.54 4.39 1.16
N PHE A 439 13.57 5.72 0.94
CA PHE A 439 12.69 6.59 1.70
C PHE A 439 11.23 6.26 1.45
N ARG A 440 10.87 6.01 0.18
CA ARG A 440 9.48 5.68 -0.12
C ARG A 440 9.07 4.38 0.53
N ARG A 441 9.92 3.35 0.46
CA ARG A 441 9.57 2.07 1.06
C ARG A 441 9.43 2.19 2.58
N LEU A 442 10.38 2.86 3.22
CA LEU A 442 10.32 3.00 4.66
C LEU A 442 9.12 3.83 5.09
N SER A 443 8.79 4.89 4.35
CA SER A 443 7.62 5.68 4.70
C SER A 443 6.35 4.87 4.55
N ASP A 444 6.28 4.03 3.51
CA ASP A 444 5.11 3.16 3.36
C ASP A 444 4.98 2.23 4.55
N GLN A 445 6.08 1.57 4.93
CA GLN A 445 6.02 0.64 6.06
C GLN A 445 5.64 1.37 7.35
N ARG A 446 6.21 2.56 7.56
CA ARG A 446 5.90 3.34 8.75
C ARG A 446 4.44 3.75 8.78
N SER A 447 3.87 4.06 7.62
CA SER A 447 2.50 4.56 7.58
C SER A 447 1.48 3.45 7.73
N LYS A 448 1.75 2.25 7.22
CA LYS A 448 0.74 1.20 7.25
C LYS A 448 0.93 0.21 8.41
N GLU A 449 2.15 -0.19 8.72
CA GLU A 449 2.35 -1.22 9.74
C GLU A 449 1.85 -0.75 11.09
N ARG A 450 1.09 -1.61 11.77
CA ARG A 450 0.55 -1.26 13.07
C ARG A 450 1.54 -1.50 14.20
N SER A 451 2.68 -2.11 13.91
CA SER A 451 3.73 -2.26 14.91
C SER A 451 4.70 -1.09 14.91
N LEU A 452 4.92 -0.47 13.74
CA LEU A 452 5.74 0.73 13.66
C LEU A 452 4.95 1.98 14.01
N LEU A 453 3.67 2.04 13.61
CA LEU A 453 2.84 3.20 13.94
C LEU A 453 2.80 3.41 15.44
N HIS A 454 2.26 2.44 16.17
CA HIS A 454 2.19 2.47 17.62
C HIS A 454 2.62 1.09 18.12
N GLY A 455 3.81 1.01 18.68
CA GLY A 455 4.32 -0.26 19.15
C GLY A 455 5.40 -0.04 20.17
N ASP A 456 5.51 -0.98 21.10
CA ASP A 456 6.57 -0.91 22.10
C ASP A 456 7.94 -1.11 21.46
N PHE A 457 8.90 -0.35 21.94
CA PHE A 457 10.28 -0.36 21.45
C PHE A 457 11.18 -0.92 22.54
N HIS A 458 11.94 -1.96 22.21
CA HIS A 458 12.87 -2.58 23.14
C HIS A 458 14.20 -2.78 22.45
N ALA A 459 15.23 -2.09 22.93
CA ALA A 459 16.58 -2.26 22.41
C ALA A 459 17.33 -3.29 23.25
N PHE A 460 18.20 -4.06 22.59
CA PHE A 460 18.94 -5.07 23.34
C PHE A 460 20.41 -5.06 22.94
N SER A 461 21.19 -5.86 23.66
CA SER A 461 22.64 -5.79 23.57
C SER A 461 23.20 -6.58 22.40
N ALA A 462 24.18 -5.98 21.74
CA ALA A 462 24.89 -6.51 20.59
C ALA A 462 26.36 -6.21 20.82
N GLY A 463 27.23 -6.89 20.09
CA GLY A 463 28.65 -6.64 20.30
C GLY A 463 28.86 -5.18 19.94
N PRO A 464 29.76 -4.49 20.66
CA PRO A 464 29.73 -3.03 20.62
C PRO A 464 29.95 -2.50 19.21
N GLY A 465 29.18 -1.47 18.87
CA GLY A 465 29.15 -0.91 17.54
C GLY A 465 27.84 -1.14 16.82
N LEU A 466 26.91 -1.86 17.45
CA LEU A 466 25.64 -2.24 16.83
C LEU A 466 24.49 -1.74 17.68
N PHE A 467 23.52 -1.11 17.02
CA PHE A 467 22.29 -0.63 17.66
C PHE A 467 21.13 -1.49 17.14
N SER A 468 20.67 -2.42 17.96
CA SER A 468 19.64 -3.37 17.58
C SER A 468 18.44 -3.27 18.52
N TYR A 469 17.24 -3.22 17.94
CA TYR A 469 16.02 -3.07 18.72
C TYR A 469 14.86 -3.74 17.99
N ILE A 470 13.74 -3.86 18.71
CA ILE A 470 12.52 -4.50 18.22
C ILE A 470 11.36 -3.55 18.46
N ARG A 471 10.50 -3.43 17.45
CA ARG A 471 9.23 -2.72 17.56
C ARG A 471 8.11 -3.73 17.43
N HIS A 472 7.26 -3.81 18.44
CA HIS A 472 6.22 -4.84 18.43
C HIS A 472 4.96 -4.31 19.09
N TRP A 473 3.82 -4.66 18.51
CA TRP A 473 2.51 -4.32 19.05
C TRP A 473 1.92 -5.59 19.67
N ASP A 474 0.62 -5.66 19.83
CA ASP A 474 0.00 -6.77 20.55
C ASP A 474 -0.37 -7.82 19.51
N GLN A 475 0.27 -8.99 19.63
CA GLN A 475 0.00 -10.14 18.77
C GLN A 475 -0.09 -9.74 17.31
N ASN A 476 0.77 -8.80 16.91
CA ASN A 476 0.81 -8.25 15.56
C ASN A 476 2.22 -8.43 15.01
N GLU A 477 2.39 -8.11 13.74
CA GLU A 477 3.69 -8.30 13.09
C GLU A 477 4.78 -7.53 13.83
N ARG A 478 5.91 -8.19 14.08
CA ARG A 478 7.02 -7.60 14.82
C ARG A 478 8.17 -7.29 13.88
N PHE A 479 8.84 -6.16 14.13
CA PHE A 479 9.99 -5.75 13.33
C PHE A 479 11.23 -5.70 14.20
N LEU A 480 12.36 -6.11 13.62
CA LEU A 480 13.65 -6.10 14.29
C LEU A 480 14.63 -5.35 13.42
N VAL A 481 15.22 -4.28 13.96
CA VAL A 481 16.16 -3.45 13.21
C VAL A 481 17.53 -3.59 13.83
N VAL A 482 18.52 -3.91 12.99
CA VAL A 482 19.91 -4.05 13.41
C VAL A 482 20.72 -3.06 12.59
N LEU A 483 21.38 -2.12 13.27
CA LEU A 483 22.14 -1.07 12.61
C LEU A 483 23.61 -1.21 12.96
N ASN A 484 24.45 -1.23 11.95
CA ASN A 484 25.90 -1.32 12.13
C ASN A 484 26.50 0.06 11.89
N PHE A 485 26.66 0.82 12.97
CA PHE A 485 27.25 2.15 12.87
C PHE A 485 28.76 2.11 12.70
N GLY A 486 29.40 0.95 12.93
CA GLY A 486 30.82 0.85 12.75
C GLY A 486 31.22 0.73 11.31
N ASP A 487 32.51 0.94 11.05
CA ASP A 487 33.07 0.90 9.71
C ASP A 487 33.75 -0.42 9.39
N VAL A 488 33.60 -1.43 10.26
CA VAL A 488 34.21 -2.73 10.07
C VAL A 488 33.12 -3.79 10.15
N GLY A 489 33.15 -4.74 9.22
CA GLY A 489 32.18 -5.82 9.22
C GLY A 489 32.18 -6.56 10.54
N LEU A 490 31.00 -6.69 11.15
CA LEU A 490 30.88 -7.22 12.50
C LEU A 490 29.78 -8.26 12.54
N SER A 491 30.07 -9.40 13.17
CA SER A 491 29.02 -10.39 13.43
C SER A 491 27.98 -9.78 14.34
N ALA A 492 26.71 -9.99 14.00
CA ALA A 492 25.63 -9.34 14.75
C ALA A 492 25.71 -9.73 16.23
N GLY A 493 25.82 -11.02 16.51
CA GLY A 493 25.97 -11.47 17.88
C GLY A 493 24.80 -11.12 18.79
N LEU A 494 23.58 -11.24 18.28
CA LEU A 494 22.42 -10.93 19.10
C LEU A 494 22.32 -11.92 20.25
N GLN A 495 22.09 -11.39 21.45
CA GLN A 495 21.83 -12.21 22.63
C GLN A 495 20.86 -11.42 23.51
N ALA A 496 19.57 -11.67 23.33
CA ALA A 496 18.53 -10.89 23.99
C ALA A 496 17.60 -11.84 24.74
N SER A 497 17.80 -11.92 26.05
CA SER A 497 16.91 -12.64 26.94
C SER A 497 16.13 -11.72 27.87
N ASP A 498 16.57 -10.47 28.03
CA ASP A 498 15.87 -9.54 28.92
C ASP A 498 14.55 -9.07 28.33
N LEU A 499 14.37 -9.20 27.02
CA LEU A 499 13.14 -8.77 26.39
C LEU A 499 11.97 -9.62 26.83
N PRO A 500 10.75 -9.08 26.83
CA PRO A 500 9.59 -9.88 27.22
C PRO A 500 9.41 -11.07 26.29
N ALA A 501 8.96 -12.19 26.86
CA ALA A 501 8.73 -13.37 26.05
C ALA A 501 7.65 -13.13 25.01
N SER A 502 6.79 -12.13 25.21
CA SER A 502 5.79 -11.79 24.21
C SER A 502 6.41 -11.33 22.90
N ALA A 503 7.63 -10.80 22.95
CA ALA A 503 8.36 -10.42 21.75
C ALA A 503 9.65 -11.22 21.65
N SER A 504 9.56 -12.53 21.87
CA SER A 504 10.73 -13.39 21.83
C SER A 504 11.31 -13.42 20.41
N LEU A 505 12.62 -13.67 20.33
CA LEU A 505 13.30 -13.68 19.05
C LEU A 505 13.26 -15.07 18.44
N PRO A 506 12.65 -15.25 17.26
CA PRO A 506 12.69 -16.55 16.60
C PRO A 506 14.08 -16.84 16.06
N ALA A 507 14.33 -18.12 15.77
CA ALA A 507 15.61 -18.52 15.20
C ALA A 507 15.80 -17.95 13.81
N LYS A 508 14.70 -17.66 13.11
CA LYS A 508 14.77 -17.12 11.75
C LYS A 508 13.72 -16.04 11.58
N ALA A 509 13.99 -15.11 10.66
CA ALA A 509 13.06 -14.03 10.38
C ALA A 509 13.34 -13.49 8.98
N ASP A 510 12.29 -12.96 8.35
CA ASP A 510 12.42 -12.44 7.00
C ASP A 510 13.39 -11.27 6.96
N LEU A 511 13.74 -10.87 5.76
CA LEU A 511 14.55 -9.68 5.51
C LEU A 511 13.67 -8.72 4.71
N LEU A 512 13.03 -7.78 5.40
CA LEU A 512 12.15 -6.85 4.71
C LEU A 512 12.92 -5.96 3.75
N LEU A 513 14.11 -5.50 4.16
CA LEU A 513 14.94 -4.70 3.27
C LEU A 513 16.29 -4.47 3.96
N SER A 514 17.31 -4.22 3.15
CA SER A 514 18.64 -3.91 3.61
C SER A 514 19.09 -2.61 2.97
N THR A 515 19.77 -1.76 3.74
CA THR A 515 20.22 -0.50 3.17
C THR A 515 21.22 -0.74 2.05
N GLN A 516 22.12 -1.73 2.21
CA GLN A 516 23.09 -2.05 1.18
C GLN A 516 22.59 -3.20 0.32
N PRO A 517 22.92 -3.24 -0.97
CA PRO A 517 22.57 -4.41 -1.78
C PRO A 517 23.35 -5.64 -1.36
N GLY A 518 23.14 -6.75 -2.05
CA GLY A 518 23.85 -7.98 -1.74
C GLY A 518 23.08 -8.99 -0.93
N ARG A 519 21.80 -8.75 -0.66
CA ARG A 519 20.96 -9.70 0.06
C ARG A 519 19.63 -9.85 -0.68
N GLU A 520 19.00 -11.00 -0.49
CA GLU A 520 17.72 -11.30 -1.12
C GLU A 520 16.60 -11.03 -0.13
N GLU A 521 15.72 -10.09 -0.47
CA GLU A 521 14.63 -9.73 0.41
C GLU A 521 13.62 -10.87 0.51
N GLY A 522 13.05 -11.04 1.70
CA GLY A 522 12.07 -12.07 1.96
C GLY A 522 12.67 -13.41 2.31
N SER A 523 13.99 -13.54 2.31
CA SER A 523 14.62 -14.81 2.63
C SER A 523 14.91 -14.86 4.13
N PRO A 524 14.39 -15.84 4.86
CA PRO A 524 14.69 -15.92 6.29
C PRO A 524 16.18 -16.12 6.53
N LEU A 525 16.67 -15.49 7.58
CA LEU A 525 18.09 -15.49 7.93
C LEU A 525 18.30 -16.26 9.22
N GLU A 526 19.56 -16.39 9.62
CA GLU A 526 19.94 -17.06 10.86
C GLU A 526 20.37 -15.97 11.84
N LEU A 527 19.47 -15.61 12.76
CA LEU A 527 19.78 -14.55 13.70
C LEU A 527 20.90 -14.94 14.64
N GLU A 528 21.13 -16.24 14.85
CA GLU A 528 22.22 -16.66 15.71
C GLU A 528 23.57 -16.29 15.13
N ARG A 529 23.71 -16.31 13.81
CA ARG A 529 24.98 -16.05 13.12
C ARG A 529 24.76 -15.08 11.97
N LEU A 530 24.09 -13.97 12.24
CA LEU A 530 23.82 -12.96 11.22
C LEU A 530 25.05 -12.06 11.06
N LYS A 531 25.61 -12.05 9.85
CA LYS A 531 26.72 -11.17 9.54
C LYS A 531 26.20 -9.82 9.08
N LEU A 532 26.98 -8.78 9.34
CA LEU A 532 26.62 -7.41 8.98
C LEU A 532 27.80 -6.73 8.29
N GLU A 533 27.52 -6.11 7.16
CA GLU A 533 28.52 -5.33 6.44
C GLU A 533 28.72 -3.99 7.13
N PRO A 534 29.83 -3.30 6.88
CA PRO A 534 30.02 -1.98 7.46
C PRO A 534 28.93 -1.02 7.01
N HIS A 535 28.50 -0.17 7.94
CA HIS A 535 27.50 0.85 7.65
C HIS A 535 26.25 0.22 7.03
N GLU A 536 25.82 -0.91 7.56
CA GLU A 536 24.67 -1.63 7.04
C GLU A 536 23.55 -1.65 8.07
N GLY A 537 22.32 -1.56 7.59
CA GLY A 537 21.15 -1.66 8.44
C GLY A 537 20.17 -2.67 7.89
N LEU A 538 19.69 -3.56 8.75
CA LEU A 538 18.79 -4.65 8.36
C LEU A 538 17.46 -4.47 9.06
N LEU A 539 16.38 -4.55 8.31
CA LEU A 539 15.01 -4.49 8.83
C LEU A 539 14.38 -5.85 8.58
N LEU A 540 14.28 -6.65 9.62
CA LEU A 540 13.73 -8.00 9.58
C LEU A 540 12.33 -8.00 10.17
N ARG A 541 11.53 -8.98 9.78
CA ARG A 541 10.14 -9.07 10.20
C ARG A 541 9.84 -10.49 10.63
N PHE A 542 9.19 -10.64 11.78
CA PHE A 542 8.76 -11.95 12.24
C PHE A 542 7.36 -11.86 12.84
N PRO A 543 6.61 -12.96 12.85
CA PRO A 543 5.21 -12.89 13.26
C PRO A 543 5.00 -13.12 14.74
N TYR A 544 3.75 -13.03 15.19
CA TYR A 544 3.45 -13.24 16.59
C TYR A 544 3.54 -14.71 16.97
N ALA A 545 4.19 -14.98 18.10
CA ALA A 545 4.29 -16.35 18.58
C ALA A 545 2.92 -16.85 19.01
N ALA A 546 2.66 -18.13 18.75
CA ALA A 546 1.38 -18.73 19.12
C ALA A 546 1.47 -20.26 19.08
N GLY B 55 -43.03 -18.79 -15.57
CA GLY B 55 -42.68 -17.60 -14.83
C GLY B 55 -41.70 -16.71 -15.58
N LEU B 56 -42.23 -15.72 -16.30
CA LEU B 56 -41.36 -14.84 -17.07
C LEU B 56 -40.49 -13.98 -16.17
N VAL B 57 -41.01 -13.58 -15.01
CA VAL B 57 -40.28 -12.72 -14.07
C VAL B 57 -39.73 -13.52 -12.90
N SER B 58 -40.49 -14.50 -12.41
CA SER B 58 -40.01 -15.30 -11.28
C SER B 58 -38.75 -16.06 -11.64
N ALA B 59 -38.52 -16.33 -12.93
CA ALA B 59 -37.31 -17.02 -13.33
C ALA B 59 -36.07 -16.22 -12.93
N CYS B 60 -36.08 -14.92 -13.17
CA CYS B 60 -34.96 -14.09 -12.75
C CYS B 60 -34.81 -14.12 -11.24
N GLY B 61 -35.92 -14.13 -10.51
CA GLY B 61 -35.83 -14.18 -9.06
C GLY B 61 -35.15 -15.45 -8.58
N ILE B 62 -35.58 -16.59 -9.11
CA ILE B 62 -34.99 -17.85 -8.66
C ILE B 62 -33.53 -17.94 -9.07
N ILE B 63 -33.18 -17.46 -10.27
CA ILE B 63 -31.79 -17.51 -10.70
C ILE B 63 -30.93 -16.63 -9.80
N VAL B 64 -31.40 -15.42 -9.48
CA VAL B 64 -30.64 -14.55 -8.61
C VAL B 64 -30.50 -15.16 -7.23
N GLY B 65 -31.57 -15.72 -6.70
CA GLY B 65 -31.50 -16.32 -5.38
C GLY B 65 -30.51 -17.46 -5.33
N ASN B 66 -30.46 -18.28 -6.38
CA ASN B 66 -29.49 -19.36 -6.42
C ASN B 66 -28.07 -18.84 -6.56
N ILE B 67 -27.85 -17.86 -7.43
CA ILE B 67 -26.49 -17.38 -7.66
C ILE B 67 -25.98 -16.57 -6.47
N ILE B 68 -26.81 -15.69 -5.92
CA ILE B 68 -26.37 -14.79 -4.87
C ILE B 68 -26.30 -15.57 -3.57
N GLY B 69 -25.15 -15.47 -2.89
CA GLY B 69 -24.96 -16.18 -1.65
C GLY B 69 -24.08 -15.43 -0.68
N SER B 70 -23.48 -16.15 0.26
CA SER B 70 -22.63 -15.53 1.27
C SER B 70 -21.21 -15.31 0.76
N GLY B 71 -20.90 -15.72 -0.47
CA GLY B 71 -19.55 -15.54 -0.97
C GLY B 71 -19.14 -14.10 -1.02
N ILE B 72 -20.08 -13.20 -1.29
CA ILE B 72 -19.75 -11.77 -1.33
C ILE B 72 -19.26 -11.29 0.02
N PHE B 73 -19.56 -12.01 1.10
CA PHE B 73 -19.09 -11.60 2.41
C PHE B 73 -17.67 -12.07 2.69
N VAL B 74 -17.17 -13.06 1.94
CA VAL B 74 -15.86 -13.61 2.17
C VAL B 74 -14.91 -13.35 1.01
N SER B 75 -15.41 -13.34 -0.22
CA SER B 75 -14.55 -13.17 -1.39
C SER B 75 -13.82 -11.84 -1.43
N PRO B 76 -14.43 -10.70 -1.09
CA PRO B 76 -13.80 -9.41 -1.40
C PRO B 76 -12.40 -9.25 -0.87
N LYS B 77 -12.10 -9.77 0.32
CA LYS B 77 -10.72 -9.72 0.78
C LYS B 77 -9.82 -10.58 -0.10
N GLY B 78 -10.35 -11.70 -0.60
CA GLY B 78 -9.55 -12.59 -1.43
C GLY B 78 -9.17 -11.97 -2.76
N VAL B 79 -10.12 -11.32 -3.43
CA VAL B 79 -9.84 -10.72 -4.72
C VAL B 79 -8.84 -9.58 -4.56
N LEU B 80 -9.17 -8.60 -3.72
CA LEU B 80 -8.29 -7.44 -3.54
C LEU B 80 -6.90 -7.87 -3.13
N GLU B 81 -6.80 -8.83 -2.21
CA GLU B 81 -5.50 -9.26 -1.73
C GLU B 81 -4.60 -9.68 -2.88
N ASN B 82 -5.18 -10.26 -3.92
CA ASN B 82 -4.41 -10.62 -5.11
C ASN B 82 -4.51 -9.60 -6.22
N ALA B 83 -5.54 -8.76 -6.23
CA ALA B 83 -5.66 -7.77 -7.29
C ALA B 83 -4.63 -6.67 -7.14
N GLY B 84 -4.36 -6.25 -5.90
CA GLY B 84 -3.39 -5.20 -5.65
C GLY B 84 -3.94 -3.80 -5.74
N SER B 85 -5.19 -3.63 -6.15
CA SER B 85 -5.78 -2.30 -6.24
C SER B 85 -7.29 -2.45 -6.29
N VAL B 86 -7.98 -1.36 -5.93
CA VAL B 86 -9.44 -1.36 -5.96
C VAL B 86 -9.93 -1.49 -7.40
N GLY B 87 -9.29 -0.78 -8.33
CA GLY B 87 -9.72 -0.86 -9.71
C GLY B 87 -9.57 -2.27 -10.27
N LEU B 88 -8.44 -2.91 -9.98
CA LEU B 88 -8.27 -4.29 -10.44
C LEU B 88 -9.29 -5.22 -9.78
N ALA B 89 -9.63 -4.95 -8.53
CA ALA B 89 -10.64 -5.77 -7.86
C ALA B 89 -11.97 -5.69 -8.59
N LEU B 90 -12.44 -4.47 -8.85
CA LEU B 90 -13.71 -4.31 -9.53
C LEU B 90 -13.65 -4.86 -10.95
N ILE B 91 -12.50 -4.74 -11.63
CA ILE B 91 -12.35 -5.30 -12.96
C ILE B 91 -12.47 -6.82 -12.91
N VAL B 92 -11.87 -7.44 -11.89
CA VAL B 92 -11.98 -8.89 -11.74
C VAL B 92 -13.44 -9.28 -11.53
N TRP B 93 -14.16 -8.51 -10.72
CA TRP B 93 -15.56 -8.83 -10.49
C TRP B 93 -16.35 -8.76 -11.80
N ILE B 94 -16.12 -7.71 -12.58
CA ILE B 94 -16.87 -7.56 -13.83
C ILE B 94 -16.53 -8.69 -14.80
N VAL B 95 -15.25 -9.03 -14.93
CA VAL B 95 -14.87 -10.08 -15.86
C VAL B 95 -15.45 -11.41 -15.43
N THR B 96 -15.45 -11.71 -14.13
CA THR B 96 -16.05 -12.94 -13.67
C THR B 96 -17.54 -12.96 -13.93
N GLY B 97 -18.20 -11.80 -13.82
CA GLY B 97 -19.62 -11.75 -14.14
C GLY B 97 -19.88 -12.08 -15.59
N PHE B 98 -19.10 -11.49 -16.49
CA PHE B 98 -19.29 -11.77 -17.92
C PHE B 98 -19.03 -13.25 -18.23
N ILE B 99 -17.96 -13.81 -17.68
CA ILE B 99 -17.66 -15.20 -17.96
C ILE B 99 -18.71 -16.12 -17.37
N THR B 100 -19.27 -15.77 -16.22
CA THR B 100 -20.36 -16.56 -15.66
C THR B 100 -21.58 -16.51 -16.57
N VAL B 101 -21.85 -15.34 -17.16
CA VAL B 101 -22.95 -15.26 -18.13
C VAL B 101 -22.70 -16.22 -19.28
N VAL B 102 -21.47 -16.20 -19.81
CA VAL B 102 -21.15 -17.05 -20.96
C VAL B 102 -21.31 -18.52 -20.59
N GLY B 103 -20.78 -18.92 -19.44
CA GLY B 103 -20.85 -20.31 -19.06
C GLY B 103 -22.27 -20.77 -18.80
N ALA B 104 -23.08 -19.92 -18.16
CA ALA B 104 -24.47 -20.28 -17.93
C ALA B 104 -25.21 -20.43 -19.26
N LEU B 105 -24.91 -19.57 -20.23
CA LEU B 105 -25.53 -19.70 -21.53
C LEU B 105 -25.17 -21.02 -22.19
N CYS B 106 -23.88 -21.39 -22.14
CA CYS B 106 -23.48 -22.67 -22.73
C CYS B 106 -24.16 -23.84 -22.02
N TYR B 107 -24.25 -23.78 -20.70
CA TYR B 107 -24.91 -24.87 -19.98
C TYR B 107 -26.39 -24.96 -20.33
N ALA B 108 -27.04 -23.82 -20.54
CA ALA B 108 -28.44 -23.84 -20.97
C ALA B 108 -28.58 -24.49 -22.34
N GLU B 109 -27.66 -24.18 -23.25
CA GLU B 109 -27.68 -24.83 -24.55
C GLU B 109 -27.51 -26.33 -24.42
N LEU B 110 -26.56 -26.76 -23.59
CA LEU B 110 -26.35 -28.19 -23.39
C LEU B 110 -27.59 -28.84 -22.80
N GLY B 111 -28.26 -28.17 -21.86
CA GLY B 111 -29.44 -28.74 -21.27
C GLY B 111 -30.58 -28.90 -22.26
N VAL B 112 -30.78 -27.91 -23.13
CA VAL B 112 -31.83 -28.05 -24.13
C VAL B 112 -31.47 -29.14 -25.14
N THR B 113 -30.19 -29.28 -25.47
CA THR B 113 -29.79 -30.32 -26.42
C THR B 113 -29.84 -31.71 -25.78
N ILE B 114 -29.60 -31.80 -24.48
CA ILE B 114 -29.56 -33.09 -23.78
C ILE B 114 -30.46 -33.01 -22.56
N PRO B 115 -31.77 -33.06 -22.71
CA PRO B 115 -32.66 -32.96 -21.54
C PRO B 115 -32.60 -34.20 -20.67
N LYS B 116 -31.90 -34.10 -19.55
CA LYS B 116 -31.78 -35.21 -18.61
C LYS B 116 -31.45 -34.66 -17.23
N SER B 117 -31.92 -35.37 -16.20
CA SER B 117 -31.62 -34.98 -14.83
C SER B 117 -30.14 -35.15 -14.53
N GLY B 118 -29.64 -34.32 -13.63
CA GLY B 118 -28.24 -34.36 -13.26
C GLY B 118 -27.41 -33.43 -14.11
N GLY B 119 -27.79 -32.16 -14.15
CA GLY B 119 -27.05 -31.21 -14.96
C GLY B 119 -25.58 -31.16 -14.56
N ASP B 120 -24.72 -31.07 -15.57
CA ASP B 120 -23.27 -31.07 -15.48
C ASP B 120 -22.73 -32.48 -15.22
N TYR B 121 -23.58 -33.46 -14.98
CA TYR B 121 -23.17 -34.85 -14.85
C TYR B 121 -23.70 -35.70 -16.01
N SER B 122 -24.98 -35.58 -16.34
CA SER B 122 -25.51 -36.26 -17.51
C SER B 122 -24.84 -35.75 -18.79
N TYR B 123 -24.56 -34.45 -18.85
CA TYR B 123 -23.91 -33.91 -20.04
C TYR B 123 -22.52 -34.49 -20.21
N VAL B 124 -21.76 -34.59 -19.12
CA VAL B 124 -20.42 -35.15 -19.15
C VAL B 124 -20.44 -36.68 -19.24
N LYS B 125 -21.60 -37.29 -19.05
CA LYS B 125 -21.73 -38.73 -19.17
C LYS B 125 -22.07 -39.11 -20.61
N ASP B 126 -23.18 -38.57 -21.13
CA ASP B 126 -23.54 -38.81 -22.52
C ASP B 126 -22.47 -38.30 -23.46
N ILE B 127 -21.73 -37.26 -23.07
CA ILE B 127 -20.57 -36.80 -23.83
C ILE B 127 -19.34 -37.37 -23.15
N PHE B 128 -18.27 -37.54 -23.92
CA PHE B 128 -17.01 -38.09 -23.46
C PHE B 128 -17.14 -39.55 -23.02
N GLY B 129 -18.30 -40.16 -23.20
CA GLY B 129 -18.46 -41.53 -22.78
C GLY B 129 -18.39 -41.65 -21.26
N GLY B 130 -18.01 -42.85 -20.81
CA GLY B 130 -17.82 -43.08 -19.40
C GLY B 130 -16.51 -42.54 -18.91
N LEU B 131 -16.32 -42.61 -17.59
CA LEU B 131 -15.11 -42.16 -16.89
C LEU B 131 -15.03 -40.65 -16.82
N ALA B 132 -15.94 -39.92 -17.46
CA ALA B 132 -15.99 -38.47 -17.37
C ALA B 132 -17.08 -38.01 -16.40
N GLY B 133 -18.31 -38.46 -16.62
CA GLY B 133 -19.36 -38.15 -15.66
C GLY B 133 -19.08 -38.74 -14.29
N PHE B 134 -18.51 -39.94 -14.26
CA PHE B 134 -18.16 -40.53 -12.98
C PHE B 134 -17.14 -39.66 -12.25
N LEU B 135 -16.18 -39.09 -12.98
CA LEU B 135 -15.23 -38.18 -12.34
C LEU B 135 -15.92 -36.92 -11.85
N ARG B 136 -16.89 -36.41 -12.61
CA ARG B 136 -17.63 -35.24 -12.14
C ARG B 136 -18.32 -35.56 -10.83
N LEU B 137 -19.03 -36.69 -10.77
CA LEU B 137 -19.73 -37.06 -9.54
C LEU B 137 -18.75 -37.27 -8.40
N TRP B 138 -17.62 -37.93 -8.69
CA TRP B 138 -16.63 -38.22 -7.66
C TRP B 138 -16.07 -36.93 -7.07
N ILE B 139 -15.69 -35.99 -7.93
CA ILE B 139 -15.10 -34.75 -7.46
C ILE B 139 -16.15 -33.90 -6.75
N ALA B 140 -17.39 -33.91 -7.23
CA ALA B 140 -18.43 -33.13 -6.58
C ALA B 140 -18.69 -33.64 -5.17
N VAL B 141 -18.75 -34.95 -4.99
CA VAL B 141 -19.00 -35.50 -3.66
C VAL B 141 -17.77 -35.29 -2.76
N LEU B 142 -16.59 -35.61 -3.27
CA LEU B 142 -15.40 -35.58 -2.42
C LEU B 142 -14.93 -34.15 -2.15
N VAL B 143 -14.96 -33.28 -3.16
CA VAL B 143 -14.30 -31.99 -3.10
C VAL B 143 -15.30 -30.84 -2.98
N ILE B 144 -16.15 -30.66 -3.99
CA ILE B 144 -16.87 -29.39 -4.14
C ILE B 144 -17.80 -29.17 -2.96
N TYR B 145 -18.62 -30.15 -2.62
CA TYR B 145 -19.64 -29.87 -1.62
C TYR B 145 -19.06 -29.84 -0.21
N PRO B 146 -18.23 -30.81 0.18
CA PRO B 146 -17.61 -30.70 1.51
C PRO B 146 -16.83 -29.43 1.69
N THR B 147 -16.13 -28.98 0.65
CA THR B 147 -15.32 -27.78 0.81
C THR B 147 -16.16 -26.52 0.79
N ASN B 148 -17.25 -26.49 0.02
CA ASN B 148 -18.15 -25.34 0.09
C ASN B 148 -18.76 -25.23 1.48
N GLN B 149 -19.19 -26.35 2.05
CA GLN B 149 -19.75 -26.31 3.38
C GLN B 149 -18.70 -25.89 4.41
N ALA B 150 -17.47 -26.39 4.28
CA ALA B 150 -16.42 -26.00 5.20
C ALA B 150 -16.12 -24.51 5.10
N VAL B 151 -16.09 -23.97 3.88
CA VAL B 151 -15.79 -22.56 3.70
C VAL B 151 -16.89 -21.71 4.31
N ILE B 152 -18.15 -22.08 4.10
CA ILE B 152 -19.23 -21.27 4.65
C ILE B 152 -19.26 -21.37 6.16
N ALA B 153 -18.96 -22.55 6.72
CA ALA B 153 -18.92 -22.67 8.17
C ALA B 153 -17.78 -21.85 8.77
N LEU B 154 -16.61 -21.85 8.13
CA LEU B 154 -15.53 -21.02 8.59
C LEU B 154 -15.89 -19.54 8.50
N THR B 155 -16.65 -19.17 7.47
CA THR B 155 -17.10 -17.79 7.37
C THR B 155 -18.02 -17.44 8.52
N PHE B 156 -18.92 -18.34 8.87
CA PHE B 156 -19.79 -18.11 10.02
C PHE B 156 -18.97 -17.92 11.29
N SER B 157 -17.98 -18.78 11.51
CA SER B 157 -17.18 -18.65 12.72
C SER B 157 -16.41 -17.34 12.74
N ASN B 158 -15.83 -16.96 11.60
CA ASN B 158 -15.07 -15.71 11.55
C ASN B 158 -15.96 -14.51 11.84
N TYR B 159 -17.16 -14.49 11.27
CA TYR B 159 -18.05 -13.36 11.53
C TYR B 159 -18.55 -13.35 12.96
N VAL B 160 -18.78 -14.52 13.56
CA VAL B 160 -19.23 -14.56 14.95
C VAL B 160 -18.14 -14.04 15.87
N LEU B 161 -16.89 -14.41 15.62
CA LEU B 161 -15.81 -14.06 16.54
C LEU B 161 -15.15 -12.73 16.22
N GLN B 162 -15.40 -12.14 15.06
CA GLN B 162 -14.74 -10.87 14.75
C GLN B 162 -15.06 -9.79 15.77
N PRO B 163 -16.32 -9.57 16.16
CA PRO B 163 -16.58 -8.53 17.16
C PRO B 163 -15.81 -8.72 18.45
N LEU B 164 -15.61 -9.97 18.88
CA LEU B 164 -14.93 -10.22 20.14
C LEU B 164 -13.43 -9.95 20.05
N PHE B 165 -12.83 -10.13 18.89
CA PHE B 165 -11.40 -9.92 18.68
C PHE B 165 -11.20 -9.03 17.46
N PRO B 166 -11.42 -7.73 17.59
CA PRO B 166 -11.41 -6.87 16.41
C PRO B 166 -10.02 -6.56 15.89
N THR B 167 -9.02 -6.58 16.77
CA THR B 167 -7.66 -6.18 16.42
C THR B 167 -6.73 -7.35 16.14
N CYS B 168 -6.96 -8.51 16.73
CA CYS B 168 -6.03 -9.62 16.63
C CYS B 168 -6.74 -10.92 16.28
N PHE B 169 -5.99 -11.82 15.67
CA PHE B 169 -6.50 -13.13 15.29
C PHE B 169 -7.13 -13.86 16.48
N PRO B 170 -8.39 -14.30 16.37
CA PRO B 170 -8.95 -15.16 17.40
C PRO B 170 -8.32 -16.53 17.36
N PRO B 171 -8.37 -17.30 18.45
CA PRO B 171 -7.69 -18.60 18.47
C PRO B 171 -8.24 -19.50 17.37
N GLU B 172 -7.34 -20.26 16.74
CA GLU B 172 -7.77 -21.17 15.68
C GLU B 172 -8.73 -22.22 16.19
N SER B 173 -8.49 -22.72 17.41
CA SER B 173 -9.38 -23.73 17.96
C SER B 173 -10.80 -23.19 18.07
N GLY B 174 -10.94 -21.91 18.40
CA GLY B 174 -12.28 -21.33 18.46
C GLY B 174 -12.95 -21.29 17.10
N LEU B 175 -12.20 -20.89 16.06
CA LEU B 175 -12.77 -20.86 14.73
C LEU B 175 -13.25 -22.24 14.32
N ARG B 176 -12.40 -23.25 14.49
CA ARG B 176 -12.76 -24.60 14.05
C ARG B 176 -13.93 -25.15 14.87
N LEU B 177 -13.95 -24.90 16.18
CA LEU B 177 -15.06 -25.40 16.97
C LEU B 177 -16.37 -24.74 16.57
N LEU B 178 -16.37 -23.44 16.34
CA LEU B 178 -17.61 -22.80 15.92
C LEU B 178 -18.06 -23.28 14.54
N ALA B 179 -17.10 -23.49 13.63
CA ALA B 179 -17.47 -24.01 12.32
C ALA B 179 -18.10 -25.39 12.43
N ALA B 180 -17.48 -26.26 13.22
CA ALA B 180 -18.02 -27.61 13.39
C ALA B 180 -19.38 -27.57 14.07
N ILE B 181 -19.57 -26.65 15.01
CA ILE B 181 -20.85 -26.53 15.69
C ILE B 181 -21.93 -26.16 14.69
N CYS B 182 -21.67 -25.15 13.85
CA CYS B 182 -22.65 -24.74 12.85
C CYS B 182 -22.96 -25.89 11.90
N LEU B 183 -21.92 -26.58 11.44
CA LEU B 183 -22.11 -27.66 10.48
C LEU B 183 -22.93 -28.79 11.08
N LEU B 184 -22.64 -29.17 12.31
CA LEU B 184 -23.36 -30.27 12.94
C LEU B 184 -24.81 -29.92 13.20
N LEU B 185 -25.08 -28.69 13.65
CA LEU B 185 -26.47 -28.30 13.85
C LEU B 185 -27.24 -28.35 12.55
N LEU B 186 -26.64 -27.84 11.46
CA LEU B 186 -27.36 -27.83 10.20
C LEU B 186 -27.58 -29.24 9.67
N THR B 187 -26.58 -30.11 9.75
CA THR B 187 -26.80 -31.46 9.26
C THR B 187 -27.83 -32.19 10.11
N TRP B 188 -27.88 -31.92 11.41
CA TRP B 188 -28.92 -32.55 12.23
C TRP B 188 -30.30 -32.09 11.80
N VAL B 189 -30.48 -30.79 11.60
CA VAL B 189 -31.81 -30.31 11.24
C VAL B 189 -32.21 -30.86 9.87
N ASN B 190 -31.24 -31.01 8.96
CA ASN B 190 -31.56 -31.61 7.66
C ASN B 190 -31.93 -33.08 7.80
N CYS B 191 -31.23 -33.83 8.65
CA CYS B 191 -31.55 -35.25 8.82
C CYS B 191 -32.91 -35.44 9.45
N SER B 192 -33.27 -34.59 10.42
CA SER B 192 -34.52 -34.82 11.16
C SER B 192 -35.73 -34.73 10.23
N SER B 193 -35.77 -33.74 9.35
CA SER B 193 -36.91 -33.58 8.46
C SER B 193 -36.59 -32.50 7.44
N VAL B 194 -37.26 -32.58 6.29
CA VAL B 194 -37.12 -31.55 5.27
C VAL B 194 -38.06 -30.36 5.53
N ARG B 195 -39.12 -30.56 6.31
CA ARG B 195 -40.02 -29.46 6.62
C ARG B 195 -39.27 -28.30 7.27
N TRP B 196 -38.52 -28.60 8.34
CA TRP B 196 -37.76 -27.56 9.00
C TRP B 196 -36.67 -27.01 8.09
N ALA B 197 -36.07 -27.86 7.25
CA ALA B 197 -35.02 -27.40 6.36
C ALA B 197 -35.54 -26.34 5.40
N THR B 198 -36.74 -26.55 4.84
CA THR B 198 -37.31 -25.55 3.96
C THR B 198 -37.87 -24.36 4.72
N ARG B 199 -38.29 -24.57 5.98
CA ARG B 199 -38.84 -23.46 6.75
C ARG B 199 -37.77 -22.44 7.13
N VAL B 200 -36.63 -22.91 7.63
CA VAL B 200 -35.58 -22.00 8.09
C VAL B 200 -34.94 -21.26 6.92
N GLN B 201 -35.06 -21.79 5.71
CA GLN B 201 -34.45 -21.14 4.56
C GLN B 201 -35.01 -19.74 4.36
N ASP B 202 -36.29 -19.52 4.69
CA ASP B 202 -36.87 -18.19 4.53
C ASP B 202 -36.16 -17.17 5.41
N ILE B 203 -35.98 -17.50 6.69
CA ILE B 203 -35.35 -16.54 7.60
C ILE B 203 -33.89 -16.35 7.22
N PHE B 204 -33.21 -17.41 6.78
CA PHE B 204 -31.81 -17.24 6.38
C PHE B 204 -31.70 -16.35 5.16
N THR B 205 -32.56 -16.54 4.16
CA THR B 205 -32.54 -15.67 2.99
C THR B 205 -32.89 -14.25 3.37
N ALA B 206 -33.80 -14.07 4.32
CA ALA B 206 -34.13 -12.72 4.78
C ALA B 206 -32.91 -12.06 5.40
N GLY B 207 -32.15 -12.80 6.19
CA GLY B 207 -30.95 -12.23 6.78
C GLY B 207 -29.91 -11.86 5.73
N LYS B 208 -29.72 -12.73 4.75
CA LYS B 208 -28.77 -12.43 3.68
C LYS B 208 -29.18 -11.17 2.92
N LEU B 209 -30.47 -11.07 2.57
CA LEU B 209 -30.95 -9.91 1.84
C LEU B 209 -30.83 -8.65 2.69
N LEU B 210 -31.09 -8.76 3.99
CA LEU B 210 -30.95 -7.59 4.86
C LEU B 210 -29.51 -7.11 4.90
N ALA B 211 -28.55 -8.04 5.02
CA ALA B 211 -27.15 -7.64 5.03
C ALA B 211 -26.77 -6.95 3.74
N LEU B 212 -27.15 -7.54 2.60
CA LEU B 212 -26.79 -6.93 1.32
C LEU B 212 -27.44 -5.57 1.16
N ALA B 213 -28.72 -5.44 1.54
CA ALA B 213 -29.40 -4.17 1.37
C ALA B 213 -28.77 -3.09 2.22
N LEU B 214 -28.41 -3.42 3.47
CA LEU B 214 -27.79 -2.41 4.31
C LEU B 214 -26.41 -2.04 3.78
N ILE B 215 -25.66 -2.99 3.26
CA ILE B 215 -24.36 -2.66 2.67
C ILE B 215 -24.56 -1.68 1.52
N ILE B 216 -25.53 -1.96 0.65
CA ILE B 216 -25.75 -1.11 -0.51
C ILE B 216 -26.20 0.28 -0.08
N ILE B 217 -27.11 0.37 0.89
CA ILE B 217 -27.62 1.66 1.31
C ILE B 217 -26.51 2.49 1.95
N MET B 218 -25.78 1.90 2.89
CA MET B 218 -24.71 2.63 3.56
C MET B 218 -23.53 2.89 2.64
N GLY B 219 -23.46 2.20 1.50
CA GLY B 219 -22.48 2.57 0.50
C GLY B 219 -22.95 3.75 -0.32
N ILE B 220 -24.21 3.76 -0.75
CA ILE B 220 -24.66 4.88 -1.58
C ILE B 220 -24.71 6.16 -0.77
N VAL B 221 -24.98 6.08 0.53
CA VAL B 221 -24.98 7.32 1.32
C VAL B 221 -23.58 7.91 1.39
N GLN B 222 -22.57 7.06 1.52
CA GLN B 222 -21.22 7.53 1.79
C GLN B 222 -20.50 7.99 0.52
N ILE B 223 -20.92 7.51 -0.66
CA ILE B 223 -20.30 8.00 -1.89
C ILE B 223 -20.65 9.46 -2.14
N CYS B 224 -21.78 9.94 -1.59
CA CYS B 224 -22.12 11.35 -1.74
C CYS B 224 -21.28 12.22 -0.82
N LYS B 225 -21.10 11.82 0.43
CA LYS B 225 -20.41 12.62 1.41
C LYS B 225 -19.05 12.08 1.82
N GLY B 226 -18.75 10.82 1.52
CA GLY B 226 -17.51 10.19 1.90
C GLY B 226 -16.34 10.51 1.01
N GLU B 227 -16.57 11.27 -0.07
CA GLU B 227 -15.53 11.77 -0.96
C GLU B 227 -14.97 10.68 -1.86
N TYR B 228 -15.39 9.44 -1.67
CA TYR B 228 -14.96 8.31 -2.50
C TYR B 228 -13.47 8.42 -2.83
N PHE B 229 -12.66 8.46 -1.77
CA PHE B 229 -11.23 8.69 -1.95
C PHE B 229 -10.58 7.60 -2.80
N TRP B 230 -10.99 6.35 -2.60
CA TRP B 230 -10.33 5.23 -3.27
C TRP B 230 -10.98 4.85 -4.59
N LEU B 231 -12.25 5.19 -4.80
CA LEU B 231 -12.89 4.91 -6.08
C LEU B 231 -12.22 5.69 -7.20
N GLU B 232 -11.90 6.96 -6.96
CA GLU B 232 -11.29 7.78 -7.97
C GLU B 232 -9.88 7.27 -8.28
N PRO B 233 -9.37 7.55 -9.48
CA PRO B 233 -8.07 6.98 -9.87
C PRO B 233 -6.95 7.34 -8.92
N LYS B 234 -7.11 8.39 -8.11
CA LYS B 234 -6.10 8.75 -7.13
C LYS B 234 -5.90 7.59 -6.16
N ASN B 235 -4.70 7.00 -6.16
CA ASN B 235 -4.38 5.88 -5.28
C ASN B 235 -5.38 4.75 -5.44
N ALA B 236 -5.75 4.45 -6.68
CA ALA B 236 -6.69 3.37 -6.98
C ALA B 236 -6.11 2.34 -7.94
N PHE B 237 -4.82 2.42 -8.27
CA PHE B 237 -4.20 1.46 -9.17
C PHE B 237 -2.75 1.25 -8.75
N GLU B 238 -2.28 0.02 -8.88
CA GLU B 238 -0.90 -0.34 -8.52
C GLU B 238 -0.58 0.10 -7.10
N ASN B 239 -1.53 -0.12 -6.19
CA ASN B 239 -1.38 0.40 -4.84
C ASN B 239 -0.54 -0.51 -3.94
N PHE B 240 -0.90 -1.79 -3.83
CA PHE B 240 -0.16 -2.67 -2.93
C PHE B 240 1.06 -3.32 -3.57
N GLN B 241 0.92 -3.85 -4.77
CA GLN B 241 2.04 -4.43 -5.48
C GLN B 241 1.75 -4.40 -6.97
N GLU B 242 2.81 -4.46 -7.76
CA GLU B 242 2.64 -4.50 -9.20
C GLU B 242 1.85 -5.76 -9.57
N PRO B 243 0.89 -5.66 -10.49
CA PRO B 243 0.05 -6.83 -10.78
C PRO B 243 0.88 -8.00 -11.28
N ASP B 244 0.49 -9.20 -10.87
CA ASP B 244 1.12 -10.44 -11.32
C ASP B 244 0.05 -11.36 -11.88
N ILE B 245 0.30 -11.90 -13.07
CA ILE B 245 -0.70 -12.76 -13.70
C ILE B 245 -0.94 -14.01 -12.87
N GLY B 246 0.11 -14.52 -12.20
CA GLY B 246 -0.09 -15.64 -11.32
C GLY B 246 -1.03 -15.32 -10.17
N LEU B 247 -0.91 -14.12 -9.62
CA LEU B 247 -1.84 -13.69 -8.59
C LEU B 247 -3.20 -13.30 -9.17
N VAL B 248 -3.24 -12.78 -10.39
CA VAL B 248 -4.52 -12.46 -11.00
C VAL B 248 -5.35 -13.73 -11.23
N ALA B 249 -4.70 -14.84 -11.54
CA ALA B 249 -5.45 -16.09 -11.68
C ALA B 249 -6.10 -16.47 -10.35
N LEU B 250 -5.36 -16.36 -9.25
CA LEU B 250 -5.96 -16.64 -7.95
C LEU B 250 -7.06 -15.66 -7.62
N ALA B 251 -6.91 -14.40 -8.03
CA ALA B 251 -7.98 -13.43 -7.82
C ALA B 251 -9.24 -13.86 -8.55
N PHE B 252 -9.11 -14.35 -9.79
CA PHE B 252 -10.27 -14.83 -10.52
C PHE B 252 -10.86 -16.08 -9.85
N LEU B 253 -10.01 -16.97 -9.35
CA LEU B 253 -10.53 -18.16 -8.68
C LEU B 253 -11.34 -17.79 -7.45
N GLN B 254 -10.87 -16.82 -6.67
CA GLN B 254 -11.60 -16.41 -5.48
C GLN B 254 -12.82 -15.56 -5.81
N GLY B 255 -12.78 -14.79 -6.90
CA GLY B 255 -13.96 -14.06 -7.32
C GLY B 255 -15.06 -14.99 -7.81
N SER B 256 -14.68 -16.05 -8.52
CA SER B 256 -15.68 -16.99 -9.03
C SER B 256 -16.44 -17.68 -7.92
N PHE B 257 -15.87 -17.77 -6.72
CA PHE B 257 -16.58 -18.40 -5.62
C PHE B 257 -17.87 -17.67 -5.31
N ALA B 258 -17.91 -16.36 -5.53
CA ALA B 258 -19.15 -15.62 -5.29
C ALA B 258 -20.27 -16.09 -6.21
N TYR B 259 -19.93 -16.38 -7.47
CA TYR B 259 -20.90 -16.89 -8.44
C TYR B 259 -20.93 -18.40 -8.35
N GLY B 260 -21.97 -18.94 -7.72
CA GLY B 260 -22.16 -20.37 -7.63
C GLY B 260 -23.60 -20.73 -7.94
N GLY B 261 -23.85 -22.04 -7.96
CA GLY B 261 -25.21 -22.48 -8.16
C GLY B 261 -25.82 -22.01 -9.46
N TRP B 262 -25.04 -22.00 -10.54
CA TRP B 262 -25.57 -21.76 -11.87
C TRP B 262 -25.27 -22.90 -12.84
N ASN B 263 -24.21 -23.68 -12.60
CA ASN B 263 -23.88 -24.78 -13.50
C ASN B 263 -24.98 -25.83 -13.52
N PHE B 264 -25.57 -26.13 -12.35
CA PHE B 264 -26.59 -27.17 -12.26
C PHE B 264 -27.96 -26.66 -11.84
N LEU B 265 -28.06 -25.47 -11.27
CA LEU B 265 -29.34 -24.97 -10.82
C LEU B 265 -30.09 -24.19 -11.89
N ASN B 266 -29.46 -23.92 -13.04
CA ASN B 266 -30.12 -23.18 -14.11
C ASN B 266 -30.92 -24.08 -15.04
N TYR B 267 -30.83 -25.40 -14.87
CA TYR B 267 -31.62 -26.36 -15.64
C TYR B 267 -32.55 -27.18 -14.79
N VAL B 268 -32.10 -27.66 -13.63
CA VAL B 268 -32.94 -28.49 -12.78
C VAL B 268 -34.13 -27.71 -12.24
N THR B 269 -34.05 -26.39 -12.20
CA THR B 269 -35.09 -25.58 -11.59
C THR B 269 -35.94 -24.80 -12.58
N GLU B 270 -35.53 -24.69 -13.84
CA GLU B 270 -36.27 -23.87 -14.78
C GLU B 270 -37.66 -24.45 -15.05
N GLU B 271 -38.67 -23.59 -14.99
CA GLU B 271 -40.04 -23.91 -15.40
C GLU B 271 -40.61 -22.64 -16.03
N LEU B 272 -40.39 -22.46 -17.33
CA LEU B 272 -40.84 -21.28 -18.04
C LEU B 272 -41.96 -21.65 -18.99
N VAL B 273 -42.81 -20.66 -19.28
CA VAL B 273 -43.93 -20.90 -20.20
C VAL B 273 -43.41 -21.31 -21.57
N ASP B 274 -42.37 -20.63 -22.04
CA ASP B 274 -41.66 -21.01 -23.27
C ASP B 274 -40.17 -21.02 -22.92
N PRO B 275 -39.66 -22.12 -22.37
CA PRO B 275 -38.26 -22.09 -21.91
C PRO B 275 -37.28 -21.72 -23.00
N TYR B 276 -37.53 -22.14 -24.23
CA TYR B 276 -36.61 -21.82 -25.30
C TYR B 276 -36.54 -20.31 -25.53
N LYS B 277 -37.69 -19.63 -25.44
CA LYS B 277 -37.75 -18.21 -25.71
C LYS B 277 -37.22 -17.38 -24.55
N ASN B 278 -37.53 -17.78 -23.32
CA ASN B 278 -37.27 -16.95 -22.15
C ASN B 278 -35.97 -17.29 -21.43
N LEU B 279 -35.56 -18.56 -21.42
CA LEU B 279 -34.38 -18.95 -20.64
C LEU B 279 -33.14 -18.14 -21.03
N PRO B 280 -32.80 -17.98 -22.30
CA PRO B 280 -31.65 -17.11 -22.61
C PRO B 280 -31.82 -15.69 -22.09
N ARG B 281 -33.05 -15.17 -22.13
CA ARG B 281 -33.28 -13.83 -21.61
C ARG B 281 -33.05 -13.78 -20.11
N ALA B 282 -33.56 -14.78 -19.39
CA ALA B 282 -33.36 -14.81 -17.94
C ALA B 282 -31.89 -14.93 -17.59
N ILE B 283 -31.16 -15.78 -18.30
CA ILE B 283 -29.74 -15.95 -18.01
C ILE B 283 -28.99 -14.67 -18.30
N PHE B 284 -29.37 -13.95 -19.36
CA PHE B 284 -28.66 -12.73 -19.70
C PHE B 284 -29.03 -11.55 -18.82
N ILE B 285 -30.21 -11.57 -18.19
CA ILE B 285 -30.66 -10.41 -17.41
C ILE B 285 -30.59 -10.62 -15.91
N SER B 286 -30.38 -11.85 -15.43
CA SER B 286 -30.29 -12.04 -13.99
C SER B 286 -28.86 -12.00 -13.50
N ILE B 287 -27.94 -12.62 -14.22
CA ILE B 287 -26.53 -12.61 -13.81
C ILE B 287 -25.96 -11.20 -13.81
N PRO B 288 -26.15 -10.38 -14.85
CA PRO B 288 -25.55 -9.04 -14.82
C PRO B 288 -25.98 -8.20 -13.64
N LEU B 289 -27.23 -8.31 -13.18
CA LEU B 289 -27.61 -7.54 -12.01
C LEU B 289 -26.96 -8.10 -10.76
N VAL B 290 -26.70 -9.41 -10.71
CA VAL B 290 -25.94 -9.96 -9.60
C VAL B 290 -24.52 -9.41 -9.62
N THR B 291 -23.92 -9.29 -10.81
CA THR B 291 -22.59 -8.71 -10.89
C THR B 291 -22.61 -7.24 -10.47
N PHE B 292 -23.67 -6.52 -10.84
CA PHE B 292 -23.81 -5.13 -10.39
C PHE B 292 -23.92 -5.07 -8.88
N VAL B 293 -24.66 -6.00 -8.27
CA VAL B 293 -24.77 -6.01 -6.82
C VAL B 293 -23.41 -6.27 -6.18
N TYR B 294 -22.65 -7.21 -6.73
CA TYR B 294 -21.33 -7.49 -6.17
C TYR B 294 -20.39 -6.31 -6.30
N VAL B 295 -20.40 -5.63 -7.46
CA VAL B 295 -19.54 -4.47 -7.62
C VAL B 295 -19.97 -3.35 -6.68
N PHE B 296 -21.28 -3.16 -6.49
CA PHE B 296 -21.73 -2.15 -5.56
C PHE B 296 -21.30 -2.48 -4.13
N ALA B 297 -21.35 -3.76 -3.76
CA ALA B 297 -20.89 -4.15 -2.44
C ALA B 297 -19.39 -3.89 -2.27
N ASN B 298 -18.61 -4.17 -3.31
CA ASN B 298 -17.17 -3.92 -3.20
C ASN B 298 -16.88 -2.43 -3.07
N VAL B 299 -17.57 -1.59 -3.85
CA VAL B 299 -17.32 -0.16 -3.72
C VAL B 299 -17.82 0.34 -2.37
N ALA B 300 -18.89 -0.23 -1.83
CA ALA B 300 -19.32 0.14 -0.50
C ALA B 300 -18.26 -0.19 0.54
N TYR B 301 -17.67 -1.38 0.43
CA TYR B 301 -16.60 -1.75 1.36
C TYR B 301 -15.44 -0.78 1.27
N VAL B 302 -14.99 -0.50 0.05
CA VAL B 302 -13.80 0.33 -0.09
C VAL B 302 -14.08 1.77 0.35
N THR B 303 -15.30 2.26 0.13
CA THR B 303 -15.63 3.59 0.62
C THR B 303 -15.66 3.62 2.14
N ALA B 304 -16.24 2.59 2.77
CA ALA B 304 -16.37 2.58 4.21
C ALA B 304 -15.00 2.52 4.88
N MET B 305 -14.08 1.73 4.34
CA MET B 305 -12.79 1.50 4.95
C MET B 305 -11.70 1.55 3.88
N SER B 306 -10.50 1.91 4.31
CA SER B 306 -9.39 1.96 3.38
C SER B 306 -9.04 0.55 2.91
N PRO B 307 -8.47 0.41 1.70
CA PRO B 307 -8.11 -0.93 1.23
C PRO B 307 -7.16 -1.66 2.18
N GLN B 308 -6.24 -0.93 2.82
CA GLN B 308 -5.38 -1.58 3.80
C GLN B 308 -6.17 -2.12 4.97
N GLU B 309 -7.16 -1.35 5.44
CA GLU B 309 -7.98 -1.80 6.55
C GLU B 309 -8.85 -2.99 6.16
N LEU B 310 -9.17 -3.14 4.89
CA LEU B 310 -9.97 -4.27 4.42
C LEU B 310 -9.17 -5.56 4.39
N LEU B 311 -7.85 -5.49 4.18
CA LEU B 311 -7.02 -6.67 4.06
C LEU B 311 -6.60 -7.24 5.41
N ALA B 312 -6.91 -6.59 6.51
CA ALA B 312 -6.54 -7.03 7.84
C ALA B 312 -7.76 -7.11 8.75
N SER B 313 -8.85 -7.67 8.22
CA SER B 313 -10.11 -7.78 8.95
C SER B 313 -10.55 -9.22 9.13
N ASN B 314 -10.56 -10.00 8.06
CA ASN B 314 -11.07 -11.38 8.08
C ASN B 314 -12.60 -11.41 8.15
N ALA B 315 -13.23 -10.24 8.33
CA ALA B 315 -14.68 -10.13 8.23
C ALA B 315 -14.98 -8.75 7.66
N VAL B 316 -15.19 -8.68 6.35
CA VAL B 316 -15.29 -7.37 5.70
C VAL B 316 -16.53 -6.63 6.16
N ALA B 317 -17.65 -7.34 6.31
CA ALA B 317 -18.89 -6.66 6.65
C ALA B 317 -18.91 -6.20 8.10
N VAL B 318 -18.25 -6.94 8.99
CA VAL B 318 -18.20 -6.52 10.39
C VAL B 318 -17.47 -5.19 10.50
N THR B 319 -16.29 -5.08 9.87
CA THR B 319 -15.57 -3.82 9.91
C THR B 319 -16.33 -2.72 9.19
N PHE B 320 -17.03 -3.05 8.10
CA PHE B 320 -17.84 -2.05 7.42
C PHE B 320 -18.89 -1.47 8.37
N GLY B 321 -19.62 -2.35 9.05
CA GLY B 321 -20.62 -1.89 9.99
C GLY B 321 -20.01 -1.11 11.15
N GLU B 322 -18.83 -1.53 11.59
CA GLU B 322 -18.14 -0.77 12.64
C GLU B 322 -17.88 0.65 12.18
N LYS B 323 -17.32 0.81 10.98
CA LYS B 323 -16.99 2.15 10.50
C LYS B 323 -18.25 3.00 10.30
N LEU B 324 -19.37 2.39 9.94
CA LEU B 324 -20.56 3.17 9.59
C LEU B 324 -21.71 3.01 10.57
N LEU B 325 -22.16 1.78 10.81
CA LEU B 325 -23.34 1.58 11.63
C LEU B 325 -23.04 1.85 13.09
N GLY B 326 -23.77 2.79 13.71
CA GLY B 326 -23.65 2.98 15.14
C GLY B 326 -24.10 1.76 15.91
N VAL B 327 -25.24 1.19 15.51
CA VAL B 327 -25.69 -0.10 16.04
C VAL B 327 -25.13 -1.16 15.08
N MET B 328 -23.89 -1.56 15.33
CA MET B 328 -23.16 -2.41 14.39
C MET B 328 -23.34 -3.89 14.74
N ALA B 329 -23.01 -4.27 15.97
CA ALA B 329 -22.99 -5.68 16.33
C ALA B 329 -24.39 -6.29 16.25
N TRP B 330 -25.42 -5.46 16.43
CA TRP B 330 -26.78 -5.97 16.43
C TRP B 330 -27.29 -6.27 15.01
N ILE B 331 -26.54 -5.90 13.98
CA ILE B 331 -27.02 -6.03 12.61
C ILE B 331 -26.10 -6.90 11.77
N MET B 332 -24.85 -6.49 11.57
CA MET B 332 -24.04 -7.09 10.51
C MET B 332 -23.63 -8.52 10.84
N PRO B 333 -22.91 -8.79 11.93
CA PRO B 333 -22.50 -10.18 12.17
C PRO B 333 -23.67 -11.15 12.28
N ILE B 334 -24.79 -10.72 12.87
CA ILE B 334 -25.92 -11.64 13.02
C ILE B 334 -26.58 -11.92 11.68
N SER B 335 -26.76 -10.89 10.85
CA SER B 335 -27.35 -11.10 9.54
C SER B 335 -26.45 -11.98 8.68
N VAL B 336 -25.14 -11.74 8.71
CA VAL B 336 -24.24 -12.57 7.93
C VAL B 336 -24.21 -13.99 8.46
N ALA B 337 -24.37 -14.17 9.78
CA ALA B 337 -24.44 -15.52 10.32
C ALA B 337 -25.67 -16.24 9.81
N LEU B 338 -26.80 -15.55 9.75
CA LEU B 338 -28.00 -16.17 9.17
C LEU B 338 -27.76 -16.52 7.70
N SER B 339 -27.09 -15.63 6.97
CA SER B 339 -26.82 -15.89 5.56
C SER B 339 -25.95 -17.14 5.39
N THR B 340 -24.92 -17.27 6.22
CA THR B 340 -24.03 -18.43 6.13
C THR B 340 -24.78 -19.71 6.52
N PHE B 341 -25.66 -19.62 7.51
CA PHE B 341 -26.48 -20.78 7.86
C PHE B 341 -27.32 -21.21 6.67
N GLY B 342 -27.94 -20.25 5.98
CA GLY B 342 -28.73 -20.58 4.81
C GLY B 342 -27.89 -21.20 3.71
N GLY B 343 -26.68 -20.67 3.50
CA GLY B 343 -25.83 -21.23 2.47
C GLY B 343 -25.44 -22.66 2.75
N VAL B 344 -25.05 -22.95 4.00
CA VAL B 344 -24.65 -24.31 4.35
C VAL B 344 -25.85 -25.25 4.23
N ASN B 345 -27.03 -24.81 4.68
CA ASN B 345 -28.20 -25.67 4.61
C ASN B 345 -28.56 -25.98 3.16
N GLY B 346 -28.52 -24.97 2.28
CA GLY B 346 -28.81 -25.22 0.88
C GLY B 346 -27.79 -26.16 0.26
N SER B 347 -26.51 -25.98 0.62
CA SER B 347 -25.49 -26.88 0.09
C SER B 347 -25.72 -28.30 0.54
N LEU B 348 -26.13 -28.50 1.80
CA LEU B 348 -26.40 -29.85 2.29
C LEU B 348 -27.56 -30.49 1.53
N PHE B 349 -28.64 -29.73 1.35
CA PHE B 349 -29.78 -30.27 0.63
C PHE B 349 -29.40 -30.63 -0.81
N THR B 350 -28.63 -29.76 -1.46
CA THR B 350 -28.23 -30.03 -2.83
C THR B 350 -27.31 -31.24 -2.92
N SER B 351 -26.41 -31.40 -1.95
CA SER B 351 -25.50 -32.55 -1.99
C SER B 351 -26.27 -33.85 -1.80
N SER B 352 -27.26 -33.86 -0.90
CA SER B 352 -28.08 -35.05 -0.78
C SER B 352 -28.83 -35.35 -2.08
N ARG B 353 -29.36 -34.31 -2.72
CA ARG B 353 -30.04 -34.51 -4.00
C ARG B 353 -29.09 -35.12 -5.02
N LEU B 354 -27.85 -34.63 -5.05
CA LEU B 354 -26.87 -35.18 -5.99
C LEU B 354 -26.58 -36.65 -5.68
N PHE B 355 -26.53 -37.00 -4.38
CA PHE B 355 -26.30 -38.39 -4.01
C PHE B 355 -27.41 -39.29 -4.52
N PHE B 356 -28.64 -38.77 -4.60
CA PHE B 356 -29.72 -39.60 -5.12
C PHE B 356 -29.42 -40.08 -6.53
N ALA B 357 -29.12 -39.14 -7.44
CA ALA B 357 -28.77 -39.51 -8.80
C ALA B 357 -27.50 -40.36 -8.84
N GLY B 358 -26.54 -40.03 -7.98
CA GLY B 358 -25.30 -40.79 -7.97
C GLY B 358 -25.53 -42.26 -7.69
N ALA B 359 -26.41 -42.56 -6.74
CA ALA B 359 -26.72 -43.95 -6.44
C ALA B 359 -27.57 -44.57 -7.54
N ARG B 360 -28.55 -43.83 -8.05
CA ARG B 360 -29.44 -44.40 -9.08
C ARG B 360 -28.66 -44.79 -10.32
N GLU B 361 -27.63 -44.02 -10.68
CA GLU B 361 -26.87 -44.33 -11.88
C GLU B 361 -26.05 -45.61 -11.75
N GLY B 362 -25.91 -46.14 -10.53
CA GLY B 362 -25.18 -47.38 -10.32
C GLY B 362 -23.71 -47.22 -10.02
N HIS B 363 -23.17 -46.00 -10.12
CA HIS B 363 -21.77 -45.79 -9.79
C HIS B 363 -21.55 -45.86 -8.28
N LEU B 364 -22.48 -45.34 -7.51
CA LEU B 364 -22.38 -45.37 -6.06
C LEU B 364 -23.11 -46.57 -5.49
N PRO B 365 -22.69 -47.04 -4.32
CA PRO B 365 -23.40 -48.17 -3.70
C PRO B 365 -24.80 -47.78 -3.28
N SER B 366 -25.68 -48.77 -3.23
CA SER B 366 -27.06 -48.54 -2.81
C SER B 366 -27.15 -48.13 -1.35
N VAL B 367 -26.08 -48.29 -0.57
CA VAL B 367 -26.10 -47.88 0.83
C VAL B 367 -26.52 -46.43 0.95
N LEU B 368 -25.99 -45.58 0.08
CA LEU B 368 -26.36 -44.18 0.05
C LEU B 368 -27.66 -43.98 -0.71
N ALA B 369 -28.17 -42.74 -0.66
CA ALA B 369 -29.40 -42.38 -1.36
C ALA B 369 -30.57 -43.25 -0.93
N MET B 370 -30.63 -43.55 0.36
CA MET B 370 -31.72 -44.33 0.94
C MET B 370 -32.50 -43.44 1.89
N ILE B 371 -33.72 -43.05 1.48
CA ILE B 371 -34.55 -42.19 2.32
C ILE B 371 -35.06 -42.99 3.51
N HIS B 372 -35.03 -42.38 4.68
CA HIS B 372 -35.58 -43.01 5.87
C HIS B 372 -37.10 -43.04 5.78
N VAL B 373 -37.71 -44.01 6.47
CA VAL B 373 -39.15 -44.24 6.32
C VAL B 373 -39.94 -43.23 7.13
N LYS B 374 -39.73 -43.21 8.46
CA LYS B 374 -40.50 -42.29 9.30
C LYS B 374 -40.23 -40.84 8.90
N ARG B 375 -38.97 -40.50 8.65
CA ARG B 375 -38.58 -39.20 8.16
C ARG B 375 -38.11 -39.34 6.72
N CYS B 376 -38.68 -38.53 5.82
CA CYS B 376 -38.34 -38.62 4.40
C CYS B 376 -37.06 -37.81 4.15
N THR B 377 -35.97 -38.29 4.73
CA THR B 377 -34.68 -37.63 4.62
C THR B 377 -33.59 -38.64 4.29
N PRO B 378 -32.58 -38.24 3.50
CA PRO B 378 -31.47 -39.16 3.17
C PRO B 378 -30.34 -39.09 4.20
N ILE B 379 -30.59 -39.69 5.37
CA ILE B 379 -29.60 -39.65 6.45
C ILE B 379 -28.26 -40.22 6.03
N PRO B 380 -28.18 -41.41 5.42
CA PRO B 380 -26.87 -41.92 5.02
C PRO B 380 -26.13 -41.01 4.06
N ALA B 381 -26.85 -40.32 3.18
CA ALA B 381 -26.18 -39.37 2.28
C ALA B 381 -25.64 -38.18 3.05
N LEU B 382 -26.40 -37.68 4.02
CA LEU B 382 -25.96 -36.50 4.77
C LEU B 382 -24.75 -36.81 5.64
N LEU B 383 -24.70 -38.02 6.21
CA LEU B 383 -23.61 -38.34 7.12
C LEU B 383 -22.26 -38.30 6.42
N PHE B 384 -22.19 -38.79 5.19
CA PHE B 384 -20.91 -38.80 4.48
C PHE B 384 -20.42 -37.39 4.19
N THR B 385 -21.32 -36.51 3.75
CA THR B 385 -20.92 -35.13 3.50
C THR B 385 -20.49 -34.46 4.80
N CYS B 386 -21.18 -34.74 5.90
CA CYS B 386 -20.77 -34.16 7.17
C CYS B 386 -19.37 -34.60 7.57
N ILE B 387 -19.08 -35.90 7.40
CA ILE B 387 -17.75 -36.38 7.76
C ILE B 387 -16.70 -35.74 6.86
N SER B 388 -16.97 -35.65 5.56
CA SER B 388 -15.99 -35.06 4.66
C SER B 388 -15.74 -33.60 4.98
N THR B 389 -16.81 -32.86 5.29
CA THR B 389 -16.65 -31.45 5.62
C THR B 389 -15.87 -31.28 6.91
N LEU B 390 -16.12 -32.12 7.92
CA LEU B 390 -15.36 -32.01 9.15
C LEU B 390 -13.89 -32.30 8.91
N LEU B 391 -13.60 -33.28 8.05
CA LEU B 391 -12.21 -33.54 7.71
C LEU B 391 -11.59 -32.36 6.97
N MET B 392 -12.38 -31.65 6.16
CA MET B 392 -11.88 -30.46 5.48
C MET B 392 -11.68 -29.28 6.43
N LEU B 393 -12.28 -29.31 7.62
CA LEU B 393 -12.21 -28.20 8.56
C LEU B 393 -10.91 -28.19 9.36
N VAL B 394 -9.90 -28.93 8.91
CA VAL B 394 -8.60 -28.93 9.56
C VAL B 394 -7.56 -28.21 8.70
N THR B 395 -8.03 -27.44 7.69
CA THR B 395 -7.11 -26.70 6.85
C THR B 395 -6.61 -25.44 7.54
N SER B 396 -7.47 -24.78 8.32
CA SER B 396 -7.16 -23.57 9.08
C SER B 396 -7.02 -22.34 8.19
N ASP B 397 -7.35 -22.44 6.91
CA ASP B 397 -7.19 -21.32 5.98
C ASP B 397 -8.50 -21.09 5.26
N MET B 398 -9.09 -19.91 5.48
CA MET B 398 -10.38 -19.62 4.88
C MET B 398 -10.29 -19.54 3.37
N TYR B 399 -9.21 -18.96 2.84
CA TYR B 399 -9.12 -18.69 1.42
C TYR B 399 -8.31 -19.72 0.65
N THR B 400 -7.44 -20.47 1.33
CA THR B 400 -6.81 -21.59 0.65
C THR B 400 -7.87 -22.55 0.15
N LEU B 401 -8.86 -22.83 0.99
CA LEU B 401 -9.93 -23.71 0.56
C LEU B 401 -10.69 -23.10 -0.60
N ILE B 402 -10.86 -21.78 -0.60
CA ILE B 402 -11.58 -21.17 -1.71
C ILE B 402 -10.84 -21.48 -3.00
N ASN B 403 -9.53 -21.28 -2.99
CA ASN B 403 -8.79 -21.57 -4.20
C ASN B 403 -8.96 -23.04 -4.56
N TYR B 404 -8.84 -23.89 -3.53
CA TYR B 404 -8.83 -25.32 -3.77
C TYR B 404 -10.12 -25.76 -4.42
N VAL B 405 -11.22 -25.07 -4.12
CA VAL B 405 -12.48 -25.47 -4.73
C VAL B 405 -12.68 -24.79 -6.06
N GLY B 406 -12.31 -23.51 -6.16
CA GLY B 406 -12.56 -22.79 -7.39
C GLY B 406 -11.80 -23.39 -8.54
N PHE B 407 -10.58 -23.83 -8.27
CA PHE B 407 -9.80 -24.44 -9.33
C PHE B 407 -10.55 -25.61 -9.90
N ILE B 408 -11.06 -26.48 -9.03
CA ILE B 408 -11.73 -27.68 -9.54
C ILE B 408 -13.00 -27.28 -10.26
N ASN B 409 -13.70 -26.29 -9.74
CA ASN B 409 -14.92 -25.90 -10.41
C ASN B 409 -14.61 -25.53 -11.83
N TYR B 410 -13.59 -24.69 -12.03
CA TYR B 410 -13.29 -24.28 -13.39
C TYR B 410 -12.79 -25.47 -14.19
N LEU B 411 -12.03 -26.35 -13.54
CA LEU B 411 -11.46 -27.48 -14.25
C LEU B 411 -12.56 -28.31 -14.86
N PHE B 412 -13.72 -28.34 -14.22
CA PHE B 412 -14.80 -29.11 -14.84
C PHE B 412 -15.73 -28.26 -15.70
N TYR B 413 -15.91 -26.98 -15.37
CA TYR B 413 -16.76 -26.16 -16.23
C TYR B 413 -16.19 -26.10 -17.63
N GLY B 414 -14.89 -25.88 -17.72
CA GLY B 414 -14.27 -25.84 -19.02
C GLY B 414 -14.43 -27.18 -19.72
N VAL B 415 -14.31 -28.28 -18.97
CA VAL B 415 -14.45 -29.56 -19.62
C VAL B 415 -15.82 -29.69 -20.23
N THR B 416 -16.85 -29.27 -19.48
CA THR B 416 -18.19 -29.41 -20.02
C THR B 416 -18.35 -28.56 -21.26
N VAL B 417 -17.77 -27.36 -21.26
CA VAL B 417 -17.94 -26.51 -22.43
C VAL B 417 -17.21 -27.14 -23.61
N ALA B 418 -16.06 -27.76 -23.35
CA ALA B 418 -15.36 -28.44 -24.42
C ALA B 418 -16.21 -29.58 -24.95
N GLY B 419 -16.95 -30.24 -24.07
CA GLY B 419 -17.84 -31.28 -24.53
C GLY B 419 -18.92 -30.71 -25.41
N GLN B 420 -19.40 -29.52 -25.07
CA GLN B 420 -20.36 -28.87 -25.96
C GLN B 420 -19.73 -28.68 -27.32
N ILE B 421 -18.49 -28.20 -27.35
CA ILE B 421 -17.84 -27.97 -28.64
C ILE B 421 -17.77 -29.29 -29.40
N VAL B 422 -17.45 -30.36 -28.69
CA VAL B 422 -17.31 -31.65 -29.38
C VAL B 422 -18.65 -32.04 -29.97
N LEU B 423 -19.72 -31.86 -29.21
CA LEU B 423 -21.03 -32.25 -29.68
C LEU B 423 -21.43 -31.41 -30.88
N ARG B 424 -20.95 -30.17 -30.95
CA ARG B 424 -21.16 -29.38 -32.16
C ARG B 424 -20.37 -29.99 -33.33
N TRP B 425 -19.08 -30.23 -33.12
CA TRP B 425 -18.22 -30.69 -34.21
C TRP B 425 -18.56 -32.13 -34.59
N LYS B 426 -18.66 -33.01 -33.61
CA LYS B 426 -19.03 -34.39 -33.82
C LYS B 426 -20.49 -34.59 -33.45
N LYS B 427 -21.19 -35.38 -34.23
CA LYS B 427 -22.62 -35.63 -34.03
C LYS B 427 -23.39 -34.32 -34.15
N PRO B 428 -23.33 -33.64 -35.29
CA PRO B 428 -24.12 -32.42 -35.46
C PRO B 428 -25.56 -32.73 -35.85
N ASP B 429 -26.33 -31.69 -36.17
CA ASP B 429 -27.71 -31.80 -36.65
C ASP B 429 -28.69 -32.19 -35.56
N ILE B 430 -28.25 -32.32 -34.32
CA ILE B 430 -29.19 -32.64 -33.25
C ILE B 430 -30.15 -31.48 -33.05
N PRO B 431 -31.44 -31.72 -32.81
CA PRO B 431 -32.36 -30.59 -32.60
C PRO B 431 -31.99 -29.76 -31.39
N ARG B 432 -31.56 -28.53 -31.62
CA ARG B 432 -31.19 -27.62 -30.55
C ARG B 432 -32.19 -26.48 -30.52
N PRO B 433 -33.14 -26.46 -29.59
CA PRO B 433 -34.15 -25.40 -29.63
C PRO B 433 -33.57 -24.00 -29.59
N ILE B 434 -32.48 -23.80 -28.85
CA ILE B 434 -31.78 -22.52 -28.81
C ILE B 434 -30.30 -22.79 -29.05
N LYS B 435 -29.71 -22.03 -29.96
CA LYS B 435 -28.32 -22.20 -30.36
C LYS B 435 -27.52 -20.96 -30.00
N ILE B 436 -26.24 -21.15 -29.71
CA ILE B 436 -25.36 -20.09 -29.27
C ILE B 436 -24.26 -19.88 -30.30
N ASN B 437 -23.90 -18.62 -30.53
CA ASN B 437 -22.78 -18.33 -31.42
C ASN B 437 -21.50 -18.97 -30.89
N LEU B 438 -20.76 -19.59 -31.81
CA LEU B 438 -19.62 -20.39 -31.41
C LEU B 438 -18.50 -19.54 -30.85
N LEU B 439 -18.67 -18.21 -30.81
CA LEU B 439 -17.65 -17.38 -30.20
C LEU B 439 -17.69 -17.49 -28.69
N PHE B 440 -18.88 -17.59 -28.10
CA PHE B 440 -18.95 -17.63 -26.64
C PHE B 440 -18.26 -18.84 -26.04
N PRO B 441 -18.54 -20.08 -26.49
CA PRO B 441 -17.81 -21.20 -25.89
C PRO B 441 -16.31 -21.09 -26.06
N ILE B 442 -15.84 -20.63 -27.22
CA ILE B 442 -14.40 -20.66 -27.44
C ILE B 442 -13.73 -19.60 -26.58
N ILE B 443 -14.33 -18.42 -26.45
CA ILE B 443 -13.74 -17.44 -25.55
C ILE B 443 -13.74 -17.98 -24.14
N TYR B 444 -14.81 -18.69 -23.76
CA TYR B 444 -14.81 -19.23 -22.41
C TYR B 444 -13.62 -20.16 -22.25
N LEU B 445 -13.38 -21.00 -23.26
CA LEU B 445 -12.31 -21.96 -23.14
C LEU B 445 -10.98 -21.24 -23.05
N LEU B 446 -10.84 -20.15 -23.80
CA LEU B 446 -9.58 -19.41 -23.74
C LEU B 446 -9.34 -18.96 -22.31
N PHE B 447 -10.36 -18.35 -21.71
CA PHE B 447 -10.17 -17.83 -20.37
C PHE B 447 -9.89 -18.98 -19.42
N TRP B 448 -10.55 -20.11 -19.65
CA TRP B 448 -10.36 -21.24 -18.76
C TRP B 448 -8.92 -21.70 -18.80
N ALA B 449 -8.36 -21.75 -20.00
CA ALA B 449 -6.99 -22.19 -20.12
C ALA B 449 -6.10 -21.23 -19.35
N PHE B 450 -6.32 -19.94 -19.54
CA PHE B 450 -5.48 -19.00 -18.82
C PHE B 450 -5.58 -19.29 -17.34
N LEU B 451 -6.80 -19.43 -16.84
CA LEU B 451 -6.95 -19.56 -15.41
C LEU B 451 -6.11 -20.73 -14.95
N LEU B 452 -6.33 -21.89 -15.57
CA LEU B 452 -5.68 -23.07 -15.03
C LEU B 452 -4.18 -22.87 -15.07
N VAL B 453 -3.67 -22.41 -16.20
CA VAL B 453 -2.22 -22.39 -16.34
C VAL B 453 -1.65 -21.52 -15.24
N PHE B 454 -2.21 -20.32 -15.10
CA PHE B 454 -1.58 -19.38 -14.19
C PHE B 454 -1.80 -19.81 -12.76
N SER B 455 -2.92 -20.47 -12.46
CA SER B 455 -3.10 -20.91 -11.09
C SER B 455 -2.02 -21.92 -10.74
N LEU B 456 -1.77 -22.85 -11.65
CA LEU B 456 -0.73 -23.84 -11.39
C LEU B 456 0.62 -23.18 -11.30
N TRP B 457 0.84 -22.11 -12.08
CA TRP B 457 2.11 -21.41 -11.98
C TRP B 457 2.26 -20.75 -10.61
N SER B 458 1.17 -20.19 -10.09
CA SER B 458 1.24 -19.40 -8.86
C SER B 458 1.23 -20.28 -7.63
N GLU B 459 0.20 -21.11 -7.48
CA GLU B 459 -0.04 -21.90 -6.28
C GLU B 459 -0.23 -23.35 -6.72
N PRO B 460 0.87 -24.07 -6.96
CA PRO B 460 0.77 -25.43 -7.49
C PRO B 460 0.52 -26.50 -6.44
N VAL B 461 0.15 -26.13 -5.21
CA VAL B 461 -0.03 -27.12 -4.17
C VAL B 461 -1.50 -27.47 -4.07
N VAL B 462 -2.35 -26.51 -3.74
CA VAL B 462 -3.77 -26.82 -3.57
C VAL B 462 -4.34 -27.39 -4.87
N CYS B 463 -4.08 -26.71 -5.98
CA CYS B 463 -4.57 -27.19 -7.26
C CYS B 463 -3.99 -28.56 -7.55
N GLY B 464 -2.71 -28.75 -7.24
CA GLY B 464 -2.12 -30.04 -7.50
C GLY B 464 -2.80 -31.12 -6.71
N ILE B 465 -3.15 -30.83 -5.46
CA ILE B 465 -3.79 -31.83 -4.63
C ILE B 465 -5.13 -32.18 -5.24
N GLY B 466 -5.84 -31.18 -5.75
CA GLY B 466 -7.12 -31.48 -6.36
C GLY B 466 -6.95 -32.37 -7.56
N LEU B 467 -5.94 -32.07 -8.38
CA LEU B 467 -5.71 -32.91 -9.55
C LEU B 467 -5.38 -34.32 -9.11
N ALA B 468 -4.59 -34.45 -8.04
CA ALA B 468 -4.24 -35.78 -7.59
C ALA B 468 -5.49 -36.51 -7.15
N ILE B 469 -6.41 -35.81 -6.50
CA ILE B 469 -7.63 -36.47 -6.06
C ILE B 469 -8.36 -37.00 -7.28
N MET B 470 -8.44 -36.19 -8.32
CA MET B 470 -9.18 -36.65 -9.49
C MET B 470 -8.50 -37.88 -10.08
N LEU B 471 -7.17 -37.86 -10.14
CA LEU B 471 -6.47 -38.98 -10.74
C LEU B 471 -6.57 -40.21 -9.86
N THR B 472 -6.80 -40.03 -8.57
CA THR B 472 -7.04 -41.15 -7.67
C THR B 472 -8.45 -41.69 -7.85
N GLY B 473 -9.38 -40.84 -8.25
CA GLY B 473 -10.72 -41.31 -8.55
C GLY B 473 -10.84 -42.00 -9.88
N VAL B 474 -9.91 -41.74 -10.79
CA VAL B 474 -9.95 -42.39 -12.10
C VAL B 474 -9.92 -43.92 -12.00
N PRO B 475 -8.99 -44.54 -11.26
CA PRO B 475 -8.95 -46.01 -11.24
C PRO B 475 -10.23 -46.68 -10.75
N VAL B 476 -10.93 -46.05 -9.81
CA VAL B 476 -12.09 -46.70 -9.24
C VAL B 476 -13.09 -46.97 -10.34
N TYR B 477 -13.15 -46.09 -11.34
CA TYR B 477 -14.11 -46.30 -12.40
C TYR B 477 -13.80 -47.58 -13.14
N PHE B 478 -12.52 -47.84 -13.40
CA PHE B 478 -12.19 -49.09 -14.07
C PHE B 478 -12.65 -50.25 -13.23
N LEU B 479 -12.41 -50.18 -11.91
CA LEU B 479 -12.86 -51.29 -11.08
C LEU B 479 -14.36 -51.48 -11.21
N GLY B 480 -15.11 -50.37 -11.28
CA GLY B 480 -16.55 -50.49 -11.42
C GLY B 480 -16.96 -51.08 -12.76
N VAL B 481 -16.26 -50.71 -13.84
CA VAL B 481 -16.69 -51.10 -15.17
C VAL B 481 -16.19 -52.50 -15.51
N TYR B 482 -14.88 -52.68 -15.55
CA TYR B 482 -14.27 -53.95 -15.92
C TYR B 482 -13.44 -54.46 -14.76
N TRP B 483 -13.74 -55.68 -14.32
CA TRP B 483 -12.95 -56.36 -13.29
C TRP B 483 -12.27 -57.55 -13.97
N GLN B 484 -10.94 -57.50 -14.06
CA GLN B 484 -10.22 -58.65 -14.58
C GLN B 484 -10.49 -59.89 -13.74
N HIS B 485 -10.71 -59.70 -12.44
CA HIS B 485 -11.12 -60.77 -11.55
C HIS B 485 -12.05 -60.17 -10.50
N LYS B 486 -13.23 -60.74 -10.35
CA LYS B 486 -14.24 -60.16 -9.48
C LYS B 486 -13.74 -60.14 -8.05
N PRO B 487 -13.80 -58.99 -7.35
CA PRO B 487 -13.30 -58.95 -5.96
C PRO B 487 -14.36 -59.40 -4.96
N LYS B 488 -14.64 -60.70 -4.97
CA LYS B 488 -15.63 -61.28 -4.07
C LYS B 488 -15.07 -61.58 -2.68
N CYS B 489 -13.76 -61.44 -2.48
CA CYS B 489 -13.17 -61.80 -1.19
C CYS B 489 -13.56 -60.80 -0.11
N PHE B 490 -13.45 -59.50 -0.41
CA PHE B 490 -13.70 -58.46 0.59
C PHE B 490 -14.83 -57.54 0.18
N SER B 491 -14.74 -56.92 -1.01
CA SER B 491 -15.61 -55.80 -1.31
C SER B 491 -17.06 -56.19 -1.21
N ASP B 492 -17.45 -57.32 -1.80
CA ASP B 492 -18.85 -57.68 -1.78
C ASP B 492 -19.32 -57.88 -0.35
N PHE B 493 -18.53 -58.61 0.44
CA PHE B 493 -18.95 -58.83 1.82
C PHE B 493 -19.03 -57.52 2.56
N ILE B 494 -18.07 -56.62 2.31
CA ILE B 494 -18.10 -55.36 3.03
C ILE B 494 -19.39 -54.63 2.69
N GLU B 495 -19.74 -54.63 1.40
CA GLU B 495 -20.94 -53.91 1.00
C GLU B 495 -22.15 -54.51 1.68
N LEU B 496 -22.21 -55.83 1.75
CA LEU B 496 -23.37 -56.44 2.35
C LEU B 496 -23.45 -56.04 3.81
N LEU B 497 -22.31 -56.05 4.49
CA LEU B 497 -22.34 -55.71 5.91
C LEU B 497 -22.79 -54.28 6.08
N THR B 498 -22.34 -53.39 5.19
CA THR B 498 -22.72 -52.00 5.34
C THR B 498 -24.21 -51.87 5.17
N LEU B 499 -24.77 -52.56 4.19
CA LEU B 499 -26.21 -52.47 3.99
C LEU B 499 -26.93 -52.97 5.23
N VAL B 500 -26.42 -54.07 5.79
CA VAL B 500 -27.11 -54.64 6.95
C VAL B 500 -27.10 -53.62 8.07
N SER B 501 -25.96 -52.99 8.29
CA SER B 501 -25.87 -52.03 9.38
C SER B 501 -26.82 -50.87 9.14
N GLN B 502 -26.89 -50.42 7.89
CA GLN B 502 -27.75 -49.30 7.57
C GLN B 502 -29.19 -49.66 7.88
N LYS B 503 -29.58 -50.90 7.57
CA LYS B 503 -30.92 -51.35 7.89
C LYS B 503 -31.12 -51.38 9.40
N MET B 504 -30.10 -51.81 10.13
CA MET B 504 -30.24 -52.02 11.57
C MET B 504 -30.39 -50.71 12.33
N CYS B 505 -29.50 -49.75 12.08
CA CYS B 505 -29.48 -48.54 12.91
C CYS B 505 -30.25 -47.39 12.29
N VAL B 506 -30.16 -47.18 10.98
CA VAL B 506 -30.99 -46.19 10.31
C VAL B 506 -32.20 -46.88 9.70
N ILE C 8 6.93 31.52 -18.05
CA ILE C 8 8.34 31.86 -18.17
C ILE C 8 8.99 30.91 -19.17
N PRO C 9 8.77 31.16 -20.46
CA PRO C 9 9.34 30.28 -21.48
C PRO C 9 10.79 30.59 -21.78
N ALA C 10 11.45 29.62 -22.39
CA ALA C 10 12.84 29.81 -22.77
C ALA C 10 12.93 30.90 -23.84
N PRO C 11 13.99 31.70 -23.83
CA PRO C 11 14.11 32.78 -24.81
C PRO C 11 14.43 32.24 -26.19
N PRO C 12 14.28 33.05 -27.24
CA PRO C 12 14.68 32.60 -28.57
C PRO C 12 16.18 32.69 -28.74
N LEU C 13 16.79 31.65 -29.28
CA LEU C 13 18.24 31.61 -29.40
C LEU C 13 18.75 32.78 -30.22
N SER C 14 17.95 33.29 -31.15
CA SER C 14 18.39 34.41 -31.96
C SER C 14 18.60 35.66 -31.12
N LYS C 15 17.74 35.89 -30.12
CA LYS C 15 17.80 37.14 -29.37
C LYS C 15 19.11 37.28 -28.62
N VAL C 16 19.60 36.21 -28.01
CA VAL C 16 20.85 36.29 -27.25
C VAL C 16 21.99 36.61 -28.20
N PRO C 17 22.82 37.63 -27.91
CA PRO C 17 23.93 37.93 -28.82
C PRO C 17 24.98 36.83 -28.84
N LEU C 18 25.99 37.00 -29.69
CA LEU C 18 27.12 36.11 -29.74
C LEU C 18 28.40 36.92 -29.85
N GLN C 19 29.50 36.37 -29.36
CA GLN C 19 30.78 37.05 -29.36
C GLN C 19 31.48 36.80 -30.69
N GLN C 20 31.62 37.84 -31.50
CA GLN C 20 32.26 37.72 -32.80
C GLN C 20 33.78 37.62 -32.66
N ASN C 21 34.40 36.93 -33.60
CA ASN C 21 35.84 36.69 -33.57
C ASN C 21 36.23 36.04 -32.24
N PHE C 22 35.43 35.08 -31.81
CA PHE C 22 35.68 34.43 -30.53
C PHE C 22 36.99 33.67 -30.58
N GLN C 23 37.94 34.06 -29.74
CA GLN C 23 39.25 33.42 -29.66
C GLN C 23 39.25 32.48 -28.47
N ASP C 24 39.32 31.18 -28.74
CA ASP C 24 39.32 30.20 -27.66
C ASP C 24 40.58 30.28 -26.83
N ASN C 25 41.71 30.67 -27.42
CA ASN C 25 42.96 30.70 -26.68
C ASN C 25 42.89 31.70 -25.53
N GLN C 26 42.30 32.86 -25.76
CA GLN C 26 42.24 33.87 -24.72
C GLN C 26 41.23 33.51 -23.63
N PHE C 27 40.13 32.86 -23.99
CA PHE C 27 39.05 32.61 -23.04
C PHE C 27 39.46 31.61 -21.96
N HIS C 28 40.46 30.77 -22.20
CA HIS C 28 40.86 29.79 -21.22
C HIS C 28 41.44 30.48 -19.99
N GLY C 29 41.21 29.86 -18.84
CA GLY C 29 41.69 30.39 -17.58
C GLY C 29 40.65 30.15 -16.51
N LYS C 30 40.87 30.76 -15.35
CA LYS C 30 40.00 30.57 -14.19
C LYS C 30 39.07 31.76 -14.09
N TRP C 31 37.82 31.57 -14.51
CA TRP C 31 36.79 32.57 -14.34
C TRP C 31 36.12 32.37 -13.00
N TYR C 32 35.69 33.47 -12.40
CA TYR C 32 34.89 33.39 -11.19
C TYR C 32 33.45 33.62 -11.60
N VAL C 33 32.52 33.25 -10.75
CA VAL C 33 31.12 33.55 -10.99
C VAL C 33 30.75 34.72 -10.09
N VAL C 34 30.37 35.83 -10.70
CA VAL C 34 30.09 37.06 -9.98
C VAL C 34 28.64 37.48 -10.12
N GLY C 35 27.87 36.77 -10.93
CA GLY C 35 26.44 37.00 -11.03
C GLY C 35 25.79 35.80 -11.66
N ARG C 36 24.54 35.56 -11.28
CA ARG C 36 23.78 34.42 -11.79
C ARG C 36 22.35 34.87 -11.97
N ALA C 37 21.85 34.78 -13.19
CA ALA C 37 20.48 35.12 -13.51
C ALA C 37 19.79 33.90 -14.08
N GLY C 38 18.61 33.58 -13.56
CA GLY C 38 17.88 32.43 -14.03
C GLY C 38 16.81 31.99 -13.05
N ASN C 39 15.75 31.37 -13.56
CA ASN C 39 14.66 30.90 -12.73
C ASN C 39 15.03 29.54 -12.16
N THR C 40 15.93 29.56 -11.18
CA THR C 40 16.45 28.33 -10.58
C THR C 40 16.07 28.15 -9.12
N GLY C 41 15.71 29.22 -8.42
CA GLY C 41 15.35 29.11 -7.01
C GLY C 41 16.02 30.15 -6.15
N LEU C 42 17.15 30.66 -6.62
CA LEU C 42 17.85 31.71 -5.90
C LEU C 42 17.18 33.06 -6.17
N ARG C 43 17.11 33.89 -5.14
CA ARG C 43 16.51 35.21 -5.24
C ARG C 43 17.43 36.23 -4.61
N GLU C 44 17.24 37.49 -4.99
CA GLU C 44 18.09 38.55 -4.46
C GLU C 44 17.93 38.67 -2.95
N ASP C 45 16.71 38.48 -2.45
CA ASP C 45 16.45 38.68 -1.02
C ASP C 45 17.23 37.68 -0.18
N LYS C 46 17.24 36.41 -0.59
CA LYS C 46 17.77 35.33 0.22
C LYS C 46 19.30 35.30 0.11
N ASP C 47 19.90 34.26 0.68
CA ASP C 47 21.35 34.12 0.63
C ASP C 47 21.80 33.89 -0.82
N PRO C 48 22.73 34.67 -1.35
CA PRO C 48 23.22 34.39 -2.71
C PRO C 48 23.93 33.06 -2.82
N GLY C 49 24.83 32.78 -1.89
CA GLY C 49 25.66 31.59 -1.91
C GLY C 49 27.12 31.96 -1.83
N LYS C 50 27.97 30.95 -1.93
CA LYS C 50 29.40 31.16 -1.90
C LYS C 50 29.95 31.07 -3.32
N MET C 51 30.75 32.06 -3.70
CA MET C 51 31.28 32.12 -5.05
C MET C 51 32.14 30.89 -5.34
N PHE C 52 31.99 30.35 -6.54
CA PHE C 52 32.80 29.25 -7.02
C PHE C 52 33.52 29.70 -8.30
N ALA C 53 34.43 28.87 -8.77
CA ALA C 53 35.23 29.21 -9.94
C ALA C 53 35.13 28.11 -10.98
N THR C 54 35.26 28.50 -12.24
CA THR C 54 35.23 27.59 -13.38
C THR C 54 36.51 27.77 -14.17
N ILE C 55 37.28 26.70 -14.31
CA ILE C 55 38.56 26.74 -15.01
C ILE C 55 38.37 26.09 -16.37
N TYR C 56 38.58 26.86 -17.43
CA TYR C 56 38.51 26.38 -18.79
C TYR C 56 39.92 26.12 -19.30
N GLU C 57 40.18 24.90 -19.73
CA GLU C 57 41.47 24.53 -20.33
C GLU C 57 41.22 24.16 -21.79
N LEU C 58 41.95 24.82 -22.69
CA LEU C 58 41.78 24.56 -24.11
C LEU C 58 42.60 23.35 -24.53
N LYS C 59 41.99 22.48 -25.33
CA LYS C 59 42.62 21.27 -25.79
C LYS C 59 42.96 21.38 -27.27
N GLU C 60 43.85 20.49 -27.73
CA GLU C 60 44.31 20.54 -29.11
C GLU C 60 43.16 20.34 -30.10
N ASP C 61 42.08 19.71 -29.67
CA ASP C 61 40.91 19.51 -30.52
C ASP C 61 39.88 20.63 -30.35
N LYS C 62 40.25 21.73 -29.70
CA LYS C 62 39.44 22.91 -29.49
C LYS C 62 38.32 22.71 -28.47
N SER C 63 38.15 21.50 -27.93
CA SER C 63 37.18 21.29 -26.89
C SER C 63 37.73 21.76 -25.54
N TYR C 64 36.83 22.27 -24.70
CA TYR C 64 37.23 22.80 -23.41
C TYR C 64 37.09 21.74 -22.32
N ASN C 65 38.06 21.71 -21.42
CA ASN C 65 37.96 20.94 -20.18
C ASN C 65 37.57 21.92 -19.08
N VAL C 66 36.40 21.72 -18.48
CA VAL C 66 35.81 22.66 -17.55
C VAL C 66 35.85 22.05 -16.16
N THR C 67 36.47 22.76 -15.23
CA THR C 67 36.62 22.31 -13.84
C THR C 67 35.92 23.30 -12.93
N TYR C 68 34.84 22.86 -12.29
CA TYR C 68 34.18 23.66 -11.27
C TYR C 68 34.86 23.38 -9.94
N VAL C 69 35.32 24.44 -9.27
CA VAL C 69 35.98 24.32 -7.98
C VAL C 69 35.22 25.19 -7.00
N TRP C 70 34.90 24.62 -5.83
CA TRP C 70 34.19 25.36 -4.80
C TRP C 70 34.59 24.82 -3.44
N SER C 71 34.08 25.46 -2.39
CA SER C 71 34.42 25.10 -1.02
C SER C 71 33.26 24.32 -0.39
N GLY C 72 33.47 23.03 -0.16
CA GLY C 72 32.46 22.19 0.46
C GLY C 72 32.42 22.32 1.96
N GLN C 73 31.99 21.24 2.62
CA GLN C 73 31.97 21.21 4.08
C GLN C 73 33.34 21.52 4.65
N LYS C 74 34.33 20.70 4.31
CA LYS C 74 35.71 21.00 4.64
C LYS C 74 36.69 20.70 3.52
N LYS C 75 36.33 19.91 2.52
CA LYS C 75 37.23 19.58 1.44
C LYS C 75 37.09 20.62 0.34
N CYS C 76 38.21 20.99 -0.27
CA CYS C 76 38.11 21.80 -1.48
C CYS C 76 37.56 20.86 -2.55
N MET C 77 36.42 21.20 -3.14
CA MET C 77 35.69 20.28 -4.00
C MET C 77 35.88 20.65 -5.47
N TYR C 78 36.01 19.62 -6.29
CA TYR C 78 36.26 19.76 -7.72
C TYR C 78 35.29 18.91 -8.50
N SER C 79 35.02 19.32 -9.74
CA SER C 79 34.22 18.51 -10.66
C SER C 79 34.67 18.84 -12.07
N ILE C 80 34.67 17.83 -12.94
CA ILE C 80 35.24 17.95 -14.28
C ILE C 80 34.18 17.55 -15.31
N VAL C 81 34.08 18.34 -16.37
CA VAL C 81 33.25 18.04 -17.53
C VAL C 81 33.99 18.55 -18.77
N THR C 82 33.42 18.29 -19.94
CA THR C 82 34.03 18.71 -21.20
C THR C 82 32.98 19.32 -22.11
N PHE C 83 33.34 20.44 -22.73
CA PHE C 83 32.51 21.11 -23.72
C PHE C 83 33.08 20.88 -25.10
N VAL C 84 32.21 20.49 -26.04
CA VAL C 84 32.61 20.32 -27.44
C VAL C 84 32.11 21.55 -28.20
N PRO C 85 32.89 22.12 -29.11
CA PRO C 85 32.42 23.32 -29.83
C PRO C 85 31.15 23.03 -30.62
N GLY C 86 30.27 24.03 -30.66
CA GLY C 86 29.01 23.92 -31.36
C GLY C 86 29.10 24.45 -32.77
N SER C 87 27.93 24.75 -33.35
CA SER C 87 27.88 25.25 -34.71
C SER C 87 28.62 26.58 -34.84
N GLN C 88 28.32 27.53 -33.96
CA GLN C 88 28.99 28.81 -33.98
C GLN C 88 30.37 28.69 -33.33
N PRO C 89 31.29 29.60 -33.68
CA PRO C 89 32.60 29.58 -33.02
C PRO C 89 32.54 29.75 -31.51
N GLY C 90 31.55 30.49 -31.00
CA GLY C 90 31.47 30.75 -29.58
C GLY C 90 30.51 29.85 -28.83
N GLU C 91 29.75 29.03 -29.55
CA GLU C 91 28.83 28.11 -28.90
C GLU C 91 29.56 26.86 -28.41
N PHE C 92 28.89 26.12 -27.54
CA PHE C 92 29.41 24.87 -27.02
C PHE C 92 28.25 23.95 -26.66
N THR C 93 28.57 22.68 -26.47
CA THR C 93 27.60 21.69 -26.01
C THR C 93 28.30 20.74 -25.06
N LEU C 94 27.54 20.19 -24.13
CA LEU C 94 28.13 19.25 -23.19
C LEU C 94 28.60 18.00 -23.92
N GLY C 95 29.78 17.52 -23.57
CA GLY C 95 30.37 16.36 -24.19
C GLY C 95 29.79 15.07 -23.67
N ASN C 96 30.39 13.97 -24.10
CA ASN C 96 29.93 12.63 -23.75
C ASN C 96 28.45 12.45 -24.15
N ILE C 97 28.20 12.67 -25.44
CA ILE C 97 26.84 12.60 -25.97
C ILE C 97 26.48 11.13 -26.17
N LYS C 98 25.24 10.80 -25.82
CA LYS C 98 24.69 9.47 -26.03
C LYS C 98 23.33 9.59 -26.69
N SER C 99 22.96 8.57 -27.46
CA SER C 99 21.72 8.61 -28.22
C SER C 99 20.50 8.58 -27.31
N ALA C 100 20.65 8.22 -26.05
CA ALA C 100 19.51 8.12 -25.16
C ALA C 100 18.81 9.47 -25.03
N PRO C 101 17.49 9.54 -25.22
CA PRO C 101 16.81 10.84 -25.09
C PRO C 101 16.83 11.40 -23.69
N GLY C 102 17.11 10.58 -22.67
CA GLY C 102 17.11 11.08 -21.31
C GLY C 102 18.09 12.20 -21.08
N ARG C 103 19.22 12.17 -21.77
CA ARG C 103 20.23 13.21 -21.61
C ARG C 103 19.62 14.59 -21.92
N THR C 104 19.97 15.56 -21.09
CA THR C 104 19.52 16.94 -21.29
C THR C 104 20.56 17.67 -22.12
N SER C 105 20.24 17.93 -23.39
CA SER C 105 21.19 18.62 -24.25
C SER C 105 21.43 20.03 -23.75
N TRP C 106 22.67 20.49 -23.90
CA TRP C 106 23.10 21.79 -23.40
C TRP C 106 23.50 22.67 -24.58
N LEU C 107 23.29 23.98 -24.42
CA LEU C 107 23.53 24.94 -25.48
C LEU C 107 24.29 26.15 -24.95
N VAL C 108 25.44 25.89 -24.32
CA VAL C 108 26.29 26.97 -23.83
C VAL C 108 26.58 27.93 -24.97
N ARG C 109 26.61 29.21 -24.66
CA ARG C 109 26.81 30.24 -25.68
C ARG C 109 27.40 31.47 -25.03
N VAL C 110 28.55 31.93 -25.49
CA VAL C 110 29.19 33.11 -24.92
C VAL C 110 28.53 34.35 -25.51
N VAL C 111 27.94 35.16 -24.64
CA VAL C 111 27.23 36.35 -25.11
C VAL C 111 28.21 37.47 -25.43
N SER C 112 29.08 37.83 -24.50
CA SER C 112 30.02 38.91 -24.76
C SER C 112 31.14 38.96 -23.74
N THR C 113 32.38 39.08 -24.19
CA THR C 113 33.52 39.12 -23.28
C THR C 113 34.67 39.88 -23.91
N ASN C 114 35.43 40.57 -23.06
CA ASN C 114 36.66 41.23 -23.50
C ASN C 114 37.88 40.33 -23.34
N TYR C 115 37.72 39.15 -22.75
CA TYR C 115 38.78 38.16 -22.55
C TYR C 115 39.82 38.62 -21.54
N ASN C 116 39.68 39.81 -20.97
CA ASN C 116 40.68 40.37 -20.08
C ASN C 116 40.26 40.33 -18.61
N GLN C 117 39.07 40.84 -18.29
CA GLN C 117 38.62 40.88 -16.91
C GLN C 117 37.18 40.44 -16.70
N HIS C 118 36.41 40.24 -17.75
CA HIS C 118 35.00 39.90 -17.57
C HIS C 118 34.49 39.12 -18.78
N ALA C 119 33.35 38.48 -18.57
CA ALA C 119 32.67 37.76 -19.64
C ALA C 119 31.22 37.56 -19.20
N MET C 120 30.34 37.38 -20.18
CA MET C 120 28.94 37.12 -19.92
C MET C 120 28.50 36.03 -20.87
N VAL C 121 28.02 34.92 -20.32
CA VAL C 121 27.75 33.71 -21.08
C VAL C 121 26.34 33.23 -20.77
N PHE C 122 25.75 32.52 -21.74
CA PHE C 122 24.37 32.08 -21.68
C PHE C 122 24.32 30.56 -21.79
N PHE C 123 23.64 29.92 -20.85
CA PHE C 123 23.49 28.47 -20.83
C PHE C 123 22.03 28.10 -21.02
N LYS C 124 21.78 27.00 -21.72
CA LYS C 124 20.42 26.49 -21.90
C LYS C 124 20.44 24.98 -21.70
N SER C 125 19.37 24.45 -21.13
CA SER C 125 19.29 23.06 -20.70
C SER C 125 18.02 22.40 -21.19
N VAL C 126 17.75 22.50 -22.50
CA VAL C 126 16.52 21.92 -23.04
C VAL C 126 16.44 20.45 -22.64
N THR C 127 15.28 20.07 -22.09
CA THR C 127 15.04 18.72 -21.61
C THR C 127 13.70 18.24 -22.12
N GLN C 128 13.48 16.92 -22.05
CA GLN C 128 12.25 16.36 -22.57
C GLN C 128 11.03 16.98 -21.89
N ASN C 129 11.08 17.16 -20.57
CA ASN C 129 9.97 17.71 -19.81
C ASN C 129 10.21 19.14 -19.34
N ARG C 130 11.34 19.75 -19.70
CA ARG C 130 11.69 21.07 -19.19
C ARG C 130 12.59 21.78 -20.18
N GLU C 131 12.51 23.10 -20.19
CA GLU C 131 13.40 23.94 -21.00
C GLU C 131 13.86 25.10 -20.13
N GLY C 132 15.12 25.05 -19.69
CA GLY C 132 15.62 26.06 -18.77
C GLY C 132 16.84 26.78 -19.29
N PHE C 133 17.10 27.98 -18.77
CA PHE C 133 18.21 28.79 -19.22
C PHE C 133 18.76 29.59 -18.05
N ALA C 134 19.95 30.12 -18.24
CA ALA C 134 20.58 30.96 -17.22
C ALA C 134 21.65 31.81 -17.89
N ILE C 135 22.03 32.88 -17.21
CA ILE C 135 23.10 33.77 -17.66
C ILE C 135 24.10 33.90 -16.52
N THR C 136 25.37 33.95 -16.87
CA THR C 136 26.42 34.06 -15.87
C THR C 136 27.36 35.19 -16.23
N LEU C 137 27.76 35.95 -15.22
CA LEU C 137 28.71 37.04 -15.36
C LEU C 137 30.04 36.56 -14.79
N TYR C 138 30.85 35.97 -15.67
CA TYR C 138 32.18 35.53 -15.27
C TYR C 138 33.09 36.74 -15.06
N GLY C 139 33.97 36.64 -14.08
CA GLY C 139 34.95 37.68 -13.83
C GLY C 139 36.27 37.08 -13.43
N ARG C 140 37.36 37.75 -13.83
CA ARG C 140 38.69 37.30 -13.45
C ARG C 140 39.00 37.60 -11.99
N THR C 141 38.49 38.70 -11.47
CA THR C 141 38.69 39.09 -10.08
C THR C 141 37.49 38.69 -9.23
N LYS C 142 37.68 38.74 -7.91
CA LYS C 142 36.60 38.38 -7.00
C LYS C 142 35.39 39.29 -7.20
N GLU C 143 35.62 40.58 -7.35
CA GLU C 143 34.55 41.56 -7.50
C GLU C 143 34.80 42.42 -8.72
N LEU C 144 33.80 42.55 -9.56
CA LEU C 144 33.86 43.42 -10.73
C LEU C 144 33.33 44.80 -10.38
N THR C 145 33.59 45.76 -11.27
CA THR C 145 33.08 47.11 -11.08
C THR C 145 31.57 47.13 -11.28
N SER C 146 30.93 48.12 -10.66
CA SER C 146 29.46 48.17 -10.66
C SER C 146 28.89 48.27 -12.06
N GLU C 147 29.62 48.89 -13.00
CA GLU C 147 29.08 49.08 -14.33
C GLU C 147 28.78 47.74 -15.00
N LEU C 148 29.69 46.78 -14.86
CA LEU C 148 29.47 45.47 -15.46
C LEU C 148 28.27 44.77 -14.82
N LYS C 149 28.10 44.93 -13.52
CA LYS C 149 26.93 44.35 -12.86
C LYS C 149 25.65 44.98 -13.36
N GLU C 150 25.65 46.29 -13.58
CA GLU C 150 24.46 46.94 -14.13
C GLU C 150 24.17 46.45 -15.54
N ASN C 151 25.21 46.29 -16.36
CA ASN C 151 25.00 45.76 -17.70
C ASN C 151 24.44 44.35 -17.65
N PHE C 152 24.95 43.53 -16.72
CA PHE C 152 24.44 42.16 -16.58
C PHE C 152 22.98 42.16 -16.16
N ILE C 153 22.61 43.05 -15.25
CA ILE C 153 21.22 43.13 -14.82
C ILE C 153 20.33 43.56 -15.97
N ARG C 154 20.79 44.54 -16.76
CA ARG C 154 19.99 45.00 -17.90
C ARG C 154 19.80 43.87 -18.91
N PHE C 155 20.88 43.16 -19.24
CA PHE C 155 20.76 42.08 -20.22
C PHE C 155 19.88 40.94 -19.69
N SER C 156 19.98 40.63 -18.40
CA SER C 156 19.13 39.61 -17.83
C SER C 156 17.66 40.03 -17.89
N LYS C 157 17.37 41.30 -17.58
CA LYS C 157 16.01 41.78 -17.66
C LYS C 157 15.50 41.79 -19.10
N SER C 158 16.41 41.91 -20.06
CA SER C 158 16.01 41.86 -21.47
C SER C 158 15.37 40.52 -21.81
N LEU C 159 15.92 39.43 -21.27
CA LEU C 159 15.39 38.11 -21.51
C LEU C 159 14.09 37.84 -20.75
N GLY C 160 13.70 38.73 -19.84
CA GLY C 160 12.47 38.60 -19.09
C GLY C 160 12.64 38.15 -17.65
N LEU C 161 13.86 38.02 -17.17
CA LEU C 161 14.07 37.61 -15.79
C LEU C 161 13.80 38.78 -14.85
N PRO C 162 12.96 38.62 -13.83
CA PRO C 162 12.75 39.70 -12.86
C PRO C 162 14.07 40.12 -12.21
N GLU C 163 14.04 41.26 -11.55
CA GLU C 163 15.23 41.75 -10.88
C GLU C 163 15.65 40.82 -9.74
N ASN C 164 14.67 40.22 -9.05
CA ASN C 164 14.99 39.39 -7.89
C ASN C 164 15.73 38.13 -8.30
N HIS C 165 15.54 37.64 -9.52
CA HIS C 165 16.18 36.41 -9.95
C HIS C 165 17.69 36.54 -10.08
N ILE C 166 18.22 37.75 -10.14
CA ILE C 166 19.65 37.96 -10.33
C ILE C 166 20.33 37.92 -8.97
N VAL C 167 21.43 37.16 -8.88
CA VAL C 167 22.08 36.86 -7.63
C VAL C 167 23.58 37.06 -7.80
N PHE C 168 24.22 37.62 -6.78
CA PHE C 168 25.67 37.87 -6.79
C PHE C 168 26.32 37.09 -5.65
N PRO C 169 26.96 35.95 -5.92
CA PRO C 169 27.52 35.14 -4.84
C PRO C 169 28.59 35.88 -4.05
N VAL C 170 28.66 35.57 -2.77
CA VAL C 170 29.65 36.19 -1.88
C VAL C 170 31.05 35.78 -2.31
N PRO C 171 32.02 36.71 -2.38
CA PRO C 171 33.39 36.36 -2.79
C PRO C 171 34.26 35.79 -1.66
N ILE C 172 34.13 34.48 -1.44
CA ILE C 172 34.94 33.80 -0.43
C ILE C 172 36.39 33.68 -0.89
N ASP C 173 37.29 33.50 0.08
CA ASP C 173 38.72 33.52 -0.14
C ASP C 173 39.36 32.17 0.19
N GLN C 174 38.62 31.06 -0.03
CA GLN C 174 39.11 29.73 0.28
C GLN C 174 38.65 28.72 -0.76
N CYS C 175 39.60 27.99 -1.36
CA CYS C 175 39.36 26.95 -2.35
C CYS C 175 39.24 27.54 -3.76
N ILE C 176 38.33 28.49 -3.96
CA ILE C 176 38.29 29.15 -5.27
C ILE C 176 39.60 29.88 -5.47
N ASP C 177 40.25 30.27 -4.38
CA ASP C 177 41.52 30.99 -4.40
C ASP C 177 42.28 30.57 -3.16
N GLY C 178 43.44 29.93 -3.35
CA GLY C 178 44.24 29.48 -2.23
C GLY C 178 44.05 28.01 -1.92
N SER C 179 43.92 27.66 -0.63
CA SER C 179 43.78 26.26 -0.24
C SER C 179 42.61 26.04 0.72
N ALA C 180 42.89 25.93 2.02
CA ALA C 180 41.86 25.63 3.01
C ALA C 180 41.15 24.33 2.66
C1 NAG D . 17.21 5.64 32.31
C2 NAG D . 16.96 5.33 33.78
C3 NAG D . 18.19 5.67 34.62
C4 NAG D . 19.41 4.97 34.06
C5 NAG D . 19.58 5.29 32.59
C6 NAG D . 20.71 4.51 31.94
C7 NAG D . 14.54 5.60 34.08
C8 NAG D . 13.44 6.45 34.65
N2 NAG D . 15.79 6.03 34.27
O3 NAG D . 17.96 5.27 35.97
O4 NAG D . 20.57 5.40 34.77
O5 NAG D . 18.38 4.95 31.87
O6 NAG D . 21.96 4.82 32.54
O7 NAG D . 14.29 4.56 33.47
H2 NAG D . 16.80 4.36 33.87
H3 NAG D . 18.33 6.64 34.59
H4 NAG D . 19.31 4.01 34.17
H5 NAG D . 19.75 6.24 32.48
H61 NAG D . 20.74 4.72 30.99
H62 NAG D . 20.54 3.55 32.04
H81 NAG D . 12.58 6.05 34.46
H82 NAG D . 13.49 7.34 34.26
H83 NAG D . 13.56 6.52 35.63
HN2 NAG D . 15.91 6.81 34.74
HO3 NAG D . 18.68 5.46 36.45
HO4 NAG D . 21.28 5.35 34.25
HO6 NAG D . 22.60 4.36 32.11
C1 NAG E . 25.82 8.06 -7.84
C2 NAG E . 26.95 8.59 -8.73
C3 NAG E . 28.28 8.48 -8.01
C4 NAG E . 28.20 9.16 -6.64
C5 NAG E . 27.01 8.63 -5.84
C6 NAG E . 26.79 9.38 -4.55
C7 NAG E . 27.74 8.28 -11.03
C8 NAG E . 27.68 7.43 -12.26
N2 NAG E . 27.00 7.89 -10.00
O3 NAG E . 29.30 9.10 -8.79
O4 NAG E . 29.40 8.91 -5.90
O5 NAG E . 25.81 8.79 -6.61
O6 NAG E . 26.74 8.49 -3.44
O7 NAG E . 28.45 9.29 -10.97
H2 NAG E . 26.78 9.54 -8.90
H3 NAG E . 28.50 7.54 -7.88
H4 NAG E . 28.10 10.13 -6.76
H5 NAG E . 27.15 7.69 -5.65
H61 NAG E . 25.95 9.87 -4.60
H62 NAG E . 27.52 10.01 -4.41
H81 NAG E . 28.26 7.80 -12.95
H82 NAG E . 26.75 7.40 -12.58
H83 NAG E . 27.97 6.52 -12.04
HN2 NAG E . 26.49 7.13 -10.09
HO3 NAG E . 28.96 9.74 -9.28
HO4 NAG E . 29.57 9.61 -5.37
HO6 NAG E . 26.61 8.94 -2.69
C1 NAG F . -2.57 28.14 28.87
C2 NAG F . -3.95 28.74 29.15
C3 NAG F . -3.82 30.21 29.51
C4 NAG F . -2.82 30.39 30.65
C5 NAG F . -1.49 29.71 30.32
C6 NAG F . -0.50 29.74 31.46
C7 NAG F . -5.72 27.58 27.86
C8 NAG F . -5.79 26.57 28.98
N2 NAG F . -4.84 28.57 28.00
O3 NAG F . -5.08 30.72 29.90
O4 NAG F . -2.59 31.78 30.87
O5 NAG F . -1.72 28.33 29.99
O6 NAG F . 0.17 30.99 31.53
O7 NAG F . -6.44 27.49 26.86
H2 NAG F . -4.32 28.29 29.94
H3 NAG F . -3.50 30.70 28.73
H4 NAG F . -3.18 30.00 31.47
H5 NAG F . -1.10 30.15 29.54
H61 NAG F . 0.15 29.03 31.33
H62 NAG F . -0.97 29.58 32.29
H81 NAG F . -6.46 25.89 28.76
H82 NAG F . -6.05 27.02 29.80
H83 NAG F . -4.92 26.14 29.09
HN2 NAG F . -4.78 29.19 27.34
HO3 NAG F . -5.00 31.58 30.09
HO4 NAG F . -1.72 31.92 31.02
HO6 NAG F . 0.72 30.98 32.23
C1 NAG G . 22.81 27.45 20.10
C2 NAG G . 23.92 28.23 19.43
C3 NAG G . 24.79 28.91 20.48
C4 NAG G . 23.92 29.75 21.41
C5 NAG G . 22.79 28.91 21.99
C6 NAG G . 21.82 29.71 22.82
C7 NAG G . 25.19 26.18 18.96
C8 NAG G . 26.00 25.42 17.94
N2 NAG G . 24.72 27.37 18.58
O3 NAG G . 25.76 29.73 19.84
O4 NAG G . 24.72 30.25 22.48
O5 NAG G . 22.03 28.32 20.92
O6 NAG G . 21.70 31.05 22.35
O7 NAG G . 24.99 25.73 20.08
H2 NAG G . 23.51 28.93 18.87
H3 NAG G . 25.25 28.22 21.00
H4 NAG G . 23.56 30.49 20.91
H5 NAG G . 23.17 28.20 22.54
H61 NAG G . 22.13 29.73 23.75
H62 NAG G . 20.95 29.29 22.79
H81 NAG G . 26.29 24.58 18.33
H82 NAG G . 26.77 25.95 17.69
H83 NAG G . 25.45 25.25 17.16
HN2 NAG G . 24.91 27.66 17.73
HO3 NAG G . 26.25 30.14 20.45
HO4 NAG G . 24.32 30.95 22.85
HO6 NAG G . 21.16 31.51 22.88
#